data_8R34
#
_entry.id   8R34
#
_cell.length_a   1.00
_cell.length_b   1.00
_cell.length_c   1.00
_cell.angle_alpha   90.00
_cell.angle_beta   90.00
_cell.angle_gamma   90.00
#
_symmetry.space_group_name_H-M   'P 1'
#
loop_
_entity.id
_entity.type
_entity.pdbx_description
1 polymer 'Low-affinity phosphate transporter PHO90'
2 non-polymer 'PHOSPHATE ION'
3 non-polymer 'SODIUM ION'
4 non-polymer 1,2-DIACYL-GLYCEROL-3-SN-PHOSPHATE
5 water water
#
_entity_poly.entity_id   1
_entity_poly.type   'polypeptide(L)'
_entity_poly.pdbx_seq_one_letter_code
;MRFSHFLKYNAVPEWQNHYMDYSELKNLIYTLQTDELQVGDNEEGFGAGKSSNITDRFKNKFSFKNAKEDTSSGMNKDAG
IVEETIELRELPTAQTVAAKPSPFRRMKEKIFYKRRSSSASSVSSTANENLQLDTYDTFVGDLTAEKQKVDDFYKRTEAK
FYDKFDALVKDLKKIGVIEYDIDDDTLFNEPIASTNDEVPPLDLDDDEDDDEFYDDQSNIEDNTALLHHSQYNIKSQKKS
LLKKSIVNLYIDLCQLKSFIELNRIGFAKITKKSDKVLHLNTRTELIESEQFFKDTYAFQAETIELLNSKISQLVTFYAR
ITDRPHNISHSKQELKSYLHDHIVWERSNTWKDMLGLLSQADELTPKETEYNANKLVGKLDLEYYRWPLPRPINLKFTSI
NNVALPKLFFTKKAYKIYFIILVTGLLLGIKTFNDAAQHRCMALVECVAFLWASEAIPLHITAFLVPLLVVLFKVLKTSD
GAIMSAASASSEILAAMWSSTIMILLAGFTLGEVLAQYNIAKVLASWLLAFAGCKPRNVLLMAMCVVFFLSMWISNVAAP
VLTYSLLSPLLDAMDADSPFAQALVLGVALAANIGGMSSPISSPQNIISMSYLKPYGIGWGQFFAVALPSGILAMLLVWI
LLFTTFKMNKTKLEKFKPIKTKFTVKQYYIITVTVATILLWCVESQIEGAFGSSGQIAIIPIVLFFGTGLLSTQDLNAFP
WSIVILAMGGIALGKAVSSSGLLSTIAKALQKKIENDGVFAILCIFGILMLVVGTFVSHTVSAIIIIPLVQEVGDKLGNP
KAAPILVFGCALLSSCGMGLASSGFPNVTAISKVDRKGDRYLSVMTFLTRGVPASILAFLCVITLGYGIMASVVKGNATS
A
;
_entity_poly.pdbx_strand_id   A,B
#
loop_
_chem_comp.id
_chem_comp.type
_chem_comp.name
_chem_comp.formula
3PH non-polymer 1,2-DIACYL-GLYCEROL-3-SN-PHOSPHATE 'C39 H77 O8 P'
NA non-polymer 'SODIUM ION' 'Na 1'
PO4 non-polymer 'PHOSPHATE ION' 'O4 P -3'
#
# COMPACT_ATOMS: atom_id res chain seq x y z
N GLY A 378 -24.29 11.61 6.44
CA GLY A 378 -25.38 10.92 5.77
C GLY A 378 -26.55 11.83 5.44
N LYS A 379 -26.38 13.13 5.70
CA LYS A 379 -27.42 14.11 5.42
C LYS A 379 -27.47 14.37 3.91
N LEU A 380 -28.66 14.26 3.34
CA LEU A 380 -28.85 14.39 1.90
C LEU A 380 -29.31 15.78 1.50
N ASP A 381 -29.04 16.80 2.30
CA ASP A 381 -29.52 18.15 2.06
C ASP A 381 -28.36 19.12 1.97
N LEU A 382 -28.56 20.16 1.17
CA LEU A 382 -27.55 21.18 0.95
C LEU A 382 -28.14 22.56 1.20
N GLU A 383 -27.27 23.51 1.52
CA GLU A 383 -27.66 24.89 1.75
C GLU A 383 -27.41 25.71 0.51
N TYR A 384 -28.29 26.69 0.27
CA TYR A 384 -28.26 27.49 -0.94
C TYR A 384 -28.24 28.97 -0.57
N TYR A 385 -27.66 29.77 -1.47
CA TYR A 385 -27.66 31.22 -1.33
C TYR A 385 -28.90 31.87 -1.93
N ARG A 386 -29.80 31.08 -2.51
CA ARG A 386 -31.08 31.55 -3.04
C ARG A 386 -30.80 32.53 -4.17
N TRP A 387 -31.66 33.54 -4.33
CA TRP A 387 -31.55 34.50 -5.42
C TRP A 387 -30.20 35.22 -5.47
N PRO A 388 -29.61 35.68 -4.36
CA PRO A 388 -28.26 36.26 -4.44
C PRO A 388 -27.24 35.33 -5.09
N VAL A 403 -29.41 31.68 -10.33
CA VAL A 403 -30.57 32.09 -9.54
C VAL A 403 -30.59 31.35 -8.21
N ALA A 404 -29.82 30.27 -8.13
CA ALA A 404 -29.72 29.48 -6.89
C ALA A 404 -28.35 28.78 -6.91
N LEU A 405 -27.41 29.34 -6.14
CA LEU A 405 -26.08 28.73 -6.10
C LEU A 405 -25.79 28.23 -4.70
N PRO A 406 -25.34 27.00 -4.56
CA PRO A 406 -25.07 26.45 -3.23
C PRO A 406 -23.92 27.17 -2.53
N LYS A 407 -23.90 27.07 -1.20
CA LYS A 407 -22.96 27.83 -0.37
C LYS A 407 -21.61 27.14 -0.19
N LEU A 408 -21.39 25.99 -0.83
CA LEU A 408 -20.06 25.36 -0.82
C LEU A 408 -19.10 26.00 -1.79
N PHE A 409 -19.57 26.91 -2.65
CA PHE A 409 -18.71 27.61 -3.60
C PHE A 409 -18.23 28.95 -3.07
N PHE A 410 -18.58 29.30 -1.83
CA PHE A 410 -18.22 30.59 -1.26
C PHE A 410 -17.56 30.45 0.11
N THR A 411 -17.07 29.27 0.45
CA THR A 411 -16.39 29.04 1.71
C THR A 411 -14.90 29.33 1.56
N LYS A 412 -14.17 29.27 2.68
CA LYS A 412 -12.73 29.48 2.63
C LYS A 412 -12.02 28.36 1.89
N LYS A 413 -12.49 27.12 2.03
CA LYS A 413 -11.90 26.00 1.30
C LYS A 413 -12.08 26.18 -0.20
N ALA A 414 -13.25 26.63 -0.64
CA ALA A 414 -13.47 26.88 -2.05
C ALA A 414 -12.56 27.99 -2.56
N TYR A 415 -12.35 29.03 -1.75
CA TYR A 415 -11.43 30.10 -2.13
C TYR A 415 -10.00 29.60 -2.24
N LYS A 416 -9.57 28.74 -1.30
CA LYS A 416 -8.23 28.15 -1.39
C LYS A 416 -8.08 27.34 -2.67
N ILE A 417 -9.09 26.53 -3.02
CA ILE A 417 -9.01 25.73 -4.22
C ILE A 417 -8.99 26.61 -5.46
N TYR A 418 -9.80 27.67 -5.48
CA TYR A 418 -9.77 28.61 -6.60
C TYR A 418 -8.39 29.21 -6.77
N PHE A 419 -7.78 29.66 -5.67
CA PHE A 419 -6.46 30.25 -5.74
C PHE A 419 -5.41 29.25 -6.20
N ILE A 420 -5.50 28.00 -5.72
CA ILE A 420 -4.52 27.00 -6.11
C ILE A 420 -4.62 26.69 -7.60
N ILE A 421 -5.85 26.53 -8.11
CA ILE A 421 -6.02 26.28 -9.55
C ILE A 421 -5.52 27.48 -10.35
N LEU A 422 -5.80 28.70 -9.88
CA LEU A 422 -5.33 29.90 -10.56
C LEU A 422 -3.81 29.91 -10.66
N VAL A 423 -3.13 29.65 -9.53
CA VAL A 423 -1.67 29.70 -9.52
C VAL A 423 -1.07 28.59 -10.36
N THR A 424 -1.65 27.39 -10.28
CA THR A 424 -1.12 26.28 -11.09
C THR A 424 -1.30 26.54 -12.58
N GLY A 425 -2.46 27.06 -12.99
CA GLY A 425 -2.65 27.42 -14.38
C GLY A 425 -1.74 28.54 -14.84
N LEU A 426 -1.48 29.53 -13.98
CA LEU A 426 -0.53 30.57 -14.33
C LEU A 426 0.88 30.03 -14.47
N LEU A 427 1.29 29.10 -13.60
CA LEU A 427 2.61 28.49 -13.72
C LEU A 427 2.72 27.66 -14.98
N LEU A 428 1.68 26.89 -15.31
CA LEU A 428 1.71 26.07 -16.52
C LEU A 428 1.70 26.92 -17.79
N GLY A 429 0.90 27.99 -17.81
CA GLY A 429 0.82 28.84 -18.98
C GLY A 429 2.07 29.66 -19.24
N ILE A 430 2.69 30.18 -18.18
CA ILE A 430 3.86 31.03 -18.31
C ILE A 430 5.11 30.17 -18.41
N LYS A 431 5.92 30.43 -19.42
CA LYS A 431 7.14 29.67 -19.62
C LYS A 431 8.13 29.93 -18.49
N THR A 432 8.51 28.88 -17.77
CA THR A 432 9.45 29.01 -16.68
C THR A 432 10.74 28.26 -16.98
N PHE A 433 10.65 26.95 -17.19
CA PHE A 433 11.82 26.13 -17.42
C PHE A 433 11.93 25.77 -18.90
N ASN A 434 13.17 25.62 -19.37
CA ASN A 434 13.38 25.21 -20.75
C ASN A 434 12.83 23.81 -21.02
N ASP A 435 13.04 22.89 -20.08
CA ASP A 435 12.52 21.54 -20.21
C ASP A 435 11.03 21.51 -19.88
N ALA A 436 10.25 20.92 -20.78
CA ALA A 436 8.81 20.88 -20.59
C ALA A 436 8.41 20.04 -19.37
N ALA A 437 9.08 18.90 -19.17
CA ALA A 437 8.78 18.08 -18.00
C ALA A 437 9.12 18.80 -16.70
N GLN A 438 10.25 19.50 -16.64
CA GLN A 438 10.59 20.27 -15.45
C GLN A 438 9.66 21.45 -15.27
N HIS A 439 9.25 22.07 -16.37
CA HIS A 439 8.31 23.19 -16.31
C HIS A 439 6.96 22.74 -15.75
N ARG A 440 6.50 21.54 -16.14
CA ARG A 440 5.26 21.01 -15.58
C ARG A 440 5.44 20.50 -14.16
N CYS A 441 6.62 19.96 -13.82
CA CYS A 441 6.88 19.52 -12.46
C CYS A 441 6.97 20.68 -11.48
N MET A 442 7.41 21.85 -11.92
CA MET A 442 7.36 23.01 -11.05
C MET A 442 5.93 23.34 -10.66
N ALA A 443 5.01 23.32 -11.64
CA ALA A 443 3.60 23.55 -11.34
C ALA A 443 3.04 22.45 -10.46
N LEU A 444 3.42 21.20 -10.70
CA LEU A 444 2.95 20.09 -9.87
C LEU A 444 3.42 20.24 -8.43
N VAL A 445 4.69 20.59 -8.23
CA VAL A 445 5.23 20.77 -6.88
C VAL A 445 4.52 21.93 -6.19
N GLU A 446 4.32 23.05 -6.90
CA GLU A 446 3.61 24.18 -6.30
C GLU A 446 2.18 23.80 -5.93
N CYS A 447 1.48 23.09 -6.81
CA CYS A 447 0.11 22.68 -6.55
C CYS A 447 0.02 21.81 -5.31
N VAL A 448 0.85 20.77 -5.24
CA VAL A 448 0.78 19.84 -4.11
C VAL A 448 1.23 20.54 -2.82
N ALA A 449 2.27 21.36 -2.88
CA ALA A 449 2.73 22.06 -1.68
C ALA A 449 1.70 23.03 -1.16
N PHE A 450 1.04 23.78 -2.06
CA PHE A 450 -0.01 24.70 -1.64
C PHE A 450 -1.22 23.97 -1.09
N LEU A 451 -1.61 22.85 -1.72
CA LEU A 451 -2.71 22.05 -1.22
C LEU A 451 -2.41 21.49 0.16
N TRP A 452 -1.16 21.10 0.42
CA TRP A 452 -0.79 20.57 1.73
C TRP A 452 -0.70 21.67 2.77
N ALA A 453 -0.08 22.80 2.43
CA ALA A 453 0.10 23.88 3.39
C ALA A 453 -1.21 24.53 3.77
N SER A 454 -2.08 24.81 2.78
CA SER A 454 -3.36 25.41 3.08
C SER A 454 -4.32 24.42 3.72
N GLU A 455 -4.12 23.13 3.47
CA GLU A 455 -5.01 22.07 3.94
C GLU A 455 -6.46 22.33 3.50
N ALA A 456 -6.61 22.68 2.22
CA ALA A 456 -7.93 22.83 1.65
C ALA A 456 -8.68 21.50 1.62
N ILE A 457 -7.99 20.41 1.32
CA ILE A 457 -8.54 19.07 1.41
C ILE A 457 -7.69 18.29 2.39
N PRO A 458 -8.18 17.16 2.92
CA PRO A 458 -7.39 16.39 3.87
C PRO A 458 -6.04 15.99 3.30
N LEU A 459 -5.03 15.96 4.16
CA LEU A 459 -3.65 15.83 3.70
C LEU A 459 -3.41 14.51 2.99
N HIS A 460 -4.02 13.44 3.48
CA HIS A 460 -3.89 12.14 2.83
C HIS A 460 -4.62 12.07 1.50
N ILE A 461 -5.54 13.00 1.22
CA ILE A 461 -6.24 12.99 -0.06
C ILE A 461 -5.40 13.68 -1.14
N THR A 462 -4.65 14.73 -0.79
CA THR A 462 -3.64 15.24 -1.69
C THR A 462 -2.56 14.20 -1.99
N ALA A 463 -2.25 13.33 -1.03
CA ALA A 463 -1.34 12.22 -1.26
C ALA A 463 -1.90 11.24 -2.28
N PHE A 464 -3.19 10.92 -2.20
CA PHE A 464 -3.85 10.15 -3.26
C PHE A 464 -3.86 10.88 -4.59
N LEU A 465 -3.95 12.21 -4.57
CA LEU A 465 -4.03 13.00 -5.79
C LEU A 465 -2.69 13.12 -6.50
N VAL A 466 -1.59 13.03 -5.76
CA VAL A 466 -0.25 13.19 -6.34
C VAL A 466 -0.01 12.24 -7.52
N PRO A 467 -0.25 10.92 -7.40
CA PRO A 467 0.00 10.04 -8.56
C PRO A 467 -0.83 10.37 -9.78
N LEU A 468 -2.08 10.81 -9.59
CA LEU A 468 -2.92 11.19 -10.72
C LEU A 468 -2.32 12.36 -11.49
N LEU A 469 -1.84 13.37 -10.76
CA LEU A 469 -1.23 14.53 -11.39
C LEU A 469 0.15 14.22 -11.97
N VAL A 470 0.86 13.25 -11.41
CA VAL A 470 2.13 12.84 -11.99
C VAL A 470 1.92 12.24 -13.38
N VAL A 471 0.78 11.61 -13.61
CA VAL A 471 0.46 11.09 -14.93
C VAL A 471 -0.16 12.16 -15.82
N LEU A 472 -1.04 12.99 -15.27
CA LEU A 472 -1.64 14.08 -16.03
C LEU A 472 -0.60 15.11 -16.43
N PHE A 473 0.18 15.60 -15.47
CA PHE A 473 1.37 16.39 -15.77
C PHE A 473 2.47 15.42 -16.19
N LYS A 474 2.79 15.37 -17.48
CA LYS A 474 3.71 14.36 -18.00
C LYS A 474 5.13 14.74 -17.59
N VAL A 475 5.46 14.41 -16.33
CA VAL A 475 6.71 14.86 -15.73
C VAL A 475 7.74 13.74 -15.66
N LEU A 476 7.28 12.48 -15.58
CA LEU A 476 8.20 11.36 -15.51
C LEU A 476 8.88 11.14 -16.86
N LYS A 477 10.15 10.78 -16.82
CA LYS A 477 10.95 10.54 -18.02
C LYS A 477 11.61 9.16 -17.94
N THR A 478 11.95 8.62 -19.10
CA THR A 478 12.69 7.38 -19.16
C THR A 478 14.18 7.65 -18.98
N SER A 479 14.96 6.57 -18.93
CA SER A 479 16.41 6.70 -18.72
C SER A 479 17.06 7.47 -19.86
N ASP A 480 16.52 7.33 -21.08
CA ASP A 480 17.04 8.09 -22.21
C ASP A 480 16.68 9.56 -22.13
N GLY A 481 15.77 9.95 -21.26
CA GLY A 481 15.36 11.33 -21.13
C GLY A 481 14.11 11.72 -21.88
N ALA A 482 13.36 10.76 -22.40
CA ALA A 482 12.12 11.03 -23.11
C ALA A 482 10.93 10.86 -22.17
N ILE A 483 9.85 11.58 -22.48
CA ILE A 483 8.66 11.51 -21.64
C ILE A 483 8.03 10.13 -21.73
N MET A 484 7.71 9.56 -20.57
CA MET A 484 7.05 8.27 -20.52
C MET A 484 5.63 8.37 -21.06
N SER A 485 5.18 7.29 -21.68
CA SER A 485 3.77 7.17 -22.01
C SER A 485 2.96 7.08 -20.73
N ALA A 486 1.70 7.52 -20.79
CA ALA A 486 0.87 7.57 -19.59
C ALA A 486 0.75 6.23 -18.90
N ALA A 487 0.70 5.13 -19.66
CA ALA A 487 0.64 3.80 -19.04
C ALA A 487 1.94 3.47 -18.33
N SER A 488 3.08 3.72 -18.97
CA SER A 488 4.37 3.49 -18.33
C SER A 488 4.53 4.39 -17.11
N ALA A 489 4.15 5.66 -17.22
CA ALA A 489 4.24 6.57 -16.09
C ALA A 489 3.36 6.13 -14.93
N SER A 490 2.15 5.65 -15.23
CA SER A 490 1.27 5.15 -14.18
C SER A 490 1.85 3.92 -13.48
N SER A 491 2.38 2.96 -14.26
CA SER A 491 2.98 1.78 -13.64
C SER A 491 4.21 2.13 -12.84
N GLU A 492 4.99 3.13 -13.28
CA GLU A 492 6.19 3.56 -12.58
C GLU A 492 5.89 4.36 -11.32
N ILE A 493 4.83 5.15 -11.30
CA ILE A 493 4.49 5.95 -10.14
C ILE A 493 3.70 5.18 -9.09
N LEU A 494 2.88 4.19 -9.49
CA LEU A 494 2.21 3.36 -8.51
C LEU A 494 3.14 2.38 -7.83
N ALA A 495 4.27 2.03 -8.49
CA ALA A 495 5.21 1.10 -7.90
C ALA A 495 6.03 1.76 -6.79
N ALA A 496 6.30 3.06 -6.92
CA ALA A 496 7.17 3.76 -5.99
C ALA A 496 6.53 4.00 -4.63
N MET A 497 5.21 3.93 -4.50
CA MET A 497 4.56 4.27 -3.24
C MET A 497 4.86 3.24 -2.16
N TRP A 498 4.70 1.97 -2.46
CA TRP A 498 5.02 0.92 -1.50
C TRP A 498 6.52 0.69 -1.48
N SER A 499 7.13 0.90 -0.31
CA SER A 499 8.58 0.85 -0.19
C SER A 499 8.96 0.21 1.14
N SER A 500 10.26 0.18 1.40
CA SER A 500 10.77 -0.41 2.65
C SER A 500 10.29 0.38 3.86
N THR A 501 10.25 1.70 3.76
CA THR A 501 9.83 2.55 4.88
C THR A 501 8.35 2.40 5.21
N ILE A 502 7.51 2.06 4.24
CA ILE A 502 6.13 1.72 4.55
C ILE A 502 6.06 0.49 5.44
N MET A 503 6.87 -0.52 5.13
CA MET A 503 7.00 -1.69 6.00
C MET A 503 7.52 -1.33 7.38
N ILE A 504 8.52 -0.44 7.45
CA ILE A 504 9.03 -0.03 8.76
C ILE A 504 7.95 0.68 9.57
N LEU A 505 7.16 1.54 8.93
CA LEU A 505 6.08 2.24 9.62
C LEU A 505 5.00 1.28 10.10
N LEU A 506 4.65 0.29 9.27
CA LEU A 506 3.67 -0.71 9.70
C LEU A 506 4.19 -1.54 10.86
N ALA A 507 5.47 -1.90 10.84
CA ALA A 507 6.07 -2.60 11.97
C ALA A 507 6.09 -1.74 13.21
N GLY A 508 6.32 -0.44 13.07
CA GLY A 508 6.23 0.45 14.21
C GLY A 508 4.83 0.51 14.78
N PHE A 509 3.82 0.55 13.92
CA PHE A 509 2.43 0.45 14.39
C PHE A 509 2.20 -0.84 15.15
N THR A 510 2.67 -1.96 14.61
CA THR A 510 2.50 -3.25 15.25
C THR A 510 3.16 -3.28 16.63
N LEU A 511 4.40 -2.81 16.71
CA LEU A 511 5.12 -2.79 17.98
C LEU A 511 4.47 -1.87 18.99
N GLY A 512 4.02 -0.68 18.58
CA GLY A 512 3.31 0.20 19.49
C GLY A 512 2.04 -0.40 20.02
N GLU A 513 1.21 -0.97 19.15
CA GLU A 513 -0.02 -1.60 19.60
C GLU A 513 0.24 -2.80 20.51
N VAL A 514 1.22 -3.64 20.19
CA VAL A 514 1.47 -4.80 21.01
C VAL A 514 2.08 -4.41 22.36
N LEU A 515 2.85 -3.32 22.42
CA LEU A 515 3.40 -2.88 23.70
C LEU A 515 2.36 -2.19 24.55
N ALA A 516 1.46 -1.41 23.95
CA ALA A 516 0.42 -0.75 24.71
C ALA A 516 -0.67 -1.71 25.18
N GLN A 517 -1.02 -2.70 24.35
CA GLN A 517 -2.12 -3.58 24.69
C GLN A 517 -1.77 -4.53 25.83
N TYR A 518 -0.50 -4.91 25.96
CA TYR A 518 -0.08 -5.89 26.95
C TYR A 518 0.68 -5.26 28.11
N ASN A 519 0.51 -3.96 28.32
CA ASN A 519 0.96 -3.26 29.54
C ASN A 519 2.47 -3.23 29.67
N ILE A 520 3.21 -3.38 28.56
CA ILE A 520 4.66 -3.19 28.64
C ILE A 520 5.00 -1.71 28.57
N ALA A 521 4.34 -0.97 27.67
CA ALA A 521 4.57 0.46 27.56
C ALA A 521 4.16 1.18 28.84
N LYS A 522 3.07 0.74 29.47
CA LYS A 522 2.65 1.34 30.73
C LYS A 522 3.69 1.15 31.82
N VAL A 523 4.31 -0.03 31.88
CA VAL A 523 5.36 -0.27 32.85
C VAL A 523 6.59 0.57 32.55
N LEU A 524 6.99 0.64 31.27
CA LEU A 524 8.20 1.39 30.91
C LEU A 524 8.00 2.89 31.09
N ALA A 525 6.77 3.39 30.96
CA ALA A 525 6.47 4.81 31.11
C ALA A 525 6.33 5.22 32.56
N SER A 526 6.45 4.27 33.50
CA SER A 526 6.50 4.60 34.90
C SER A 526 7.92 4.78 35.43
N TRP A 527 8.92 4.21 34.78
CA TRP A 527 10.32 4.44 35.09
C TRP A 527 10.87 5.69 34.41
N LEU A 528 10.41 5.97 33.18
CA LEU A 528 10.84 7.19 32.49
C LEU A 528 10.21 8.43 33.13
N LEU A 529 8.91 8.37 33.42
CA LEU A 529 8.23 9.51 34.04
C LEU A 529 8.59 9.68 35.51
N ALA A 530 9.15 8.66 36.15
CA ALA A 530 9.71 8.85 37.49
C ALA A 530 11.03 9.60 37.43
N PHE A 531 11.87 9.28 36.44
CA PHE A 531 13.13 10.01 36.26
C PHE A 531 12.87 11.45 35.82
N ALA A 532 11.89 11.65 34.94
CA ALA A 532 11.63 12.99 34.42
C ALA A 532 11.16 13.94 35.53
N GLY A 533 10.31 13.45 36.43
CA GLY A 533 9.83 14.27 37.52
C GLY A 533 8.42 14.78 37.33
N CYS A 534 8.08 15.90 37.98
CA CYS A 534 6.73 16.45 37.91
C CYS A 534 6.70 17.80 37.20
N LYS A 535 7.80 18.19 36.55
CA LYS A 535 7.84 19.42 35.77
C LYS A 535 7.52 19.12 34.32
N PRO A 536 6.54 19.78 33.72
CA PRO A 536 6.20 19.48 32.32
C PRO A 536 7.35 19.66 31.35
N ARG A 537 8.21 20.65 31.58
CA ARG A 537 9.36 20.84 30.70
C ARG A 537 10.34 19.67 30.79
N ASN A 538 10.48 19.07 31.97
CA ASN A 538 11.35 17.91 32.13
C ASN A 538 10.78 16.66 31.47
N VAL A 539 9.46 16.45 31.55
CA VAL A 539 8.82 15.36 30.82
C VAL A 539 8.98 15.57 29.32
N LEU A 540 8.84 16.80 28.84
CA LEU A 540 9.12 17.11 27.45
C LEU A 540 10.55 16.77 27.07
N LEU A 541 11.50 17.17 27.90
CA LEU A 541 12.91 16.87 27.63
C LEU A 541 13.14 15.37 27.56
N MET A 542 12.54 14.60 28.48
CA MET A 542 12.67 13.15 28.46
C MET A 542 12.09 12.56 27.18
N ALA A 543 10.93 13.04 26.75
CA ALA A 543 10.32 12.51 25.52
C ALA A 543 11.16 12.80 24.29
N MET A 544 11.64 14.04 24.14
CA MET A 544 12.54 14.35 23.04
C MET A 544 13.83 13.55 23.09
N CYS A 545 14.41 13.36 24.27
CA CYS A 545 15.63 12.56 24.39
C CYS A 545 15.37 11.11 23.99
N VAL A 546 14.25 10.55 24.42
CA VAL A 546 13.93 9.16 24.09
C VAL A 546 13.77 8.99 22.59
N VAL A 547 13.01 9.88 21.95
CA VAL A 547 12.79 9.72 20.50
C VAL A 547 14.07 10.01 19.73
N PHE A 548 14.89 10.95 20.22
CA PHE A 548 16.17 11.23 19.58
C PHE A 548 17.10 10.02 19.63
N PHE A 549 17.20 9.40 20.80
CA PHE A 549 18.05 8.22 20.95
C PHE A 549 17.52 7.06 20.11
N LEU A 550 16.20 6.90 20.06
CA LEU A 550 15.63 5.85 19.22
C LEU A 550 15.92 6.09 17.75
N SER A 551 15.78 7.33 17.29
CA SER A 551 16.06 7.67 15.89
C SER A 551 17.55 7.55 15.56
N MET A 552 18.43 7.66 16.56
CA MET A 552 19.85 7.50 16.30
C MET A 552 20.18 6.12 15.74
N TRP A 553 19.49 5.08 16.17
CA TRP A 553 19.84 3.71 15.82
C TRP A 553 18.89 3.05 14.84
N ILE A 554 17.58 3.23 15.00
CA ILE A 554 16.59 2.57 14.15
C ILE A 554 15.96 3.52 13.14
N SER A 555 16.38 4.78 13.09
CA SER A 555 15.89 5.83 12.19
C SER A 555 14.56 6.38 12.69
N ASN A 556 14.08 7.45 12.07
CA ASN A 556 12.90 8.17 12.52
C ASN A 556 11.63 7.73 11.80
N VAL A 557 11.68 6.63 11.04
CA VAL A 557 10.47 6.10 10.44
C VAL A 557 9.55 5.51 11.51
N ALA A 558 10.12 4.72 12.43
CA ALA A 558 9.34 4.03 13.44
C ALA A 558 9.58 4.56 14.85
N ALA A 559 10.65 5.32 15.08
CA ALA A 559 10.93 5.85 16.41
C ALA A 559 9.83 6.75 16.95
N PRO A 560 9.26 7.70 16.18
CA PRO A 560 8.14 8.48 16.73
C PRO A 560 6.95 7.65 17.15
N VAL A 561 6.62 6.59 16.40
CA VAL A 561 5.49 5.73 16.76
C VAL A 561 5.76 5.03 18.09
N LEU A 562 6.96 4.49 18.25
CA LEU A 562 7.31 3.84 19.52
C LEU A 562 7.29 4.82 20.68
N THR A 563 7.82 6.03 20.48
CA THR A 563 7.82 7.02 21.55
C THR A 563 6.40 7.46 21.91
N TYR A 564 5.52 7.58 20.92
CA TYR A 564 4.12 7.88 21.22
C TYR A 564 3.45 6.73 21.95
N SER A 565 3.83 5.49 21.63
CA SER A 565 3.32 4.35 22.37
C SER A 565 3.77 4.37 23.82
N LEU A 566 5.03 4.71 24.09
CA LEU A 566 5.48 4.84 25.47
C LEU A 566 4.86 6.04 26.15
N LEU A 567 4.47 7.06 25.38
CA LEU A 567 3.84 8.26 25.91
C LEU A 567 2.35 8.08 26.14
N SER A 568 1.79 6.93 25.78
CA SER A 568 0.35 6.71 25.92
C SER A 568 -0.16 6.89 27.35
N PRO A 569 0.51 6.39 28.41
CA PRO A 569 -0.02 6.59 29.76
C PRO A 569 -0.18 8.05 30.15
N LEU A 570 0.51 8.97 29.48
CA LEU A 570 0.38 10.40 29.73
C LEU A 570 -0.48 11.09 28.70
N LEU A 571 -0.33 10.73 27.42
CA LEU A 571 -1.08 11.42 26.36
C LEU A 571 -2.53 10.98 26.32
N ASP A 572 -2.85 9.80 26.85
CA ASP A 572 -4.20 9.26 26.74
C ASP A 572 -5.22 10.14 27.44
N ALA A 573 -4.87 10.62 28.65
CA ALA A 573 -5.77 11.42 29.47
C ALA A 573 -5.58 12.91 29.24
N MET A 574 -5.14 13.30 28.05
CA MET A 574 -4.92 14.70 27.71
C MET A 574 -5.77 15.09 26.52
N ASP A 575 -6.51 16.18 26.66
CA ASP A 575 -7.37 16.67 25.59
C ASP A 575 -6.54 17.32 24.50
N ALA A 576 -7.12 17.41 23.30
CA ALA A 576 -6.43 17.92 22.13
C ALA A 576 -6.11 19.40 22.21
N ASP A 577 -6.81 20.16 23.04
CA ASP A 577 -6.54 21.57 23.23
C ASP A 577 -5.61 21.85 24.40
N SER A 578 -5.06 20.81 25.03
CA SER A 578 -4.09 21.00 26.10
C SER A 578 -2.78 21.49 25.52
N PRO A 579 -2.24 22.61 26.02
CA PRO A 579 -0.93 23.08 25.52
C PRO A 579 0.19 22.07 25.72
N PHE A 580 0.17 21.35 26.84
CA PHE A 580 1.25 20.40 27.12
C PHE A 580 1.19 19.19 26.19
N ALA A 581 -0.01 18.71 25.87
CA ALA A 581 -0.12 17.59 24.93
C ALA A 581 0.35 17.99 23.55
N GLN A 582 -0.03 19.18 23.09
CA GLN A 582 0.44 19.68 21.80
C GLN A 582 1.96 19.83 21.81
N ALA A 583 2.51 20.35 22.90
CA ALA A 583 3.96 20.48 23.01
C ALA A 583 4.64 19.12 22.98
N LEU A 584 4.08 18.10 23.66
CA LEU A 584 4.67 16.77 23.62
C LEU A 584 4.66 16.16 22.22
N VAL A 585 3.51 16.26 21.52
CA VAL A 585 3.43 15.67 20.18
C VAL A 585 4.37 16.39 19.22
N LEU A 586 4.35 17.72 19.23
CA LEU A 586 5.22 18.48 18.35
C LEU A 586 6.69 18.26 18.71
N GLY A 587 7.00 18.13 19.99
CA GLY A 587 8.38 17.92 20.40
C GLY A 587 8.90 16.56 20.00
N VAL A 588 8.07 15.52 20.10
CA VAL A 588 8.51 14.22 19.61
C VAL A 588 8.73 14.27 18.11
N ALA A 589 7.84 14.95 17.36
CA ALA A 589 8.06 15.09 15.92
C ALA A 589 9.37 15.78 15.61
N LEU A 590 9.60 16.94 16.23
CA LEU A 590 10.80 17.74 15.95
C LEU A 590 12.08 17.05 16.40
N ALA A 591 12.05 16.38 17.55
CA ALA A 591 13.22 15.65 18.02
C ALA A 591 13.52 14.41 17.19
N ALA A 592 12.50 13.74 16.65
CA ALA A 592 12.77 12.70 15.66
C ALA A 592 13.38 13.27 14.40
N ASN A 593 12.89 14.42 13.94
CA ASN A 593 13.49 15.08 12.79
C ASN A 593 14.96 15.41 13.03
N ILE A 594 15.29 15.91 14.21
CA ILE A 594 16.67 16.24 14.53
C ILE A 594 17.51 14.97 14.70
N GLY A 595 16.95 13.94 15.34
CA GLY A 595 17.70 12.72 15.55
C GLY A 595 17.96 11.95 14.28
N GLY A 596 17.18 12.21 13.24
CA GLY A 596 17.43 11.58 11.96
C GLY A 596 18.71 12.02 11.26
N MET A 597 19.52 12.84 11.91
CA MET A 597 20.76 13.33 11.32
C MET A 597 22.00 13.03 12.15
N SER A 598 21.87 12.33 13.27
CA SER A 598 22.97 12.20 14.21
C SER A 598 23.91 11.03 13.88
N SER A 599 23.39 9.83 13.87
CA SER A 599 24.26 8.67 13.66
C SER A 599 24.40 8.35 12.19
N PRO A 600 25.44 7.60 11.80
CA PRO A 600 25.63 7.27 10.39
C PRO A 600 24.59 6.32 9.82
N ILE A 601 23.66 5.87 10.66
CA ILE A 601 22.63 4.92 10.24
C ILE A 601 21.25 5.46 10.59
N SER A 602 21.18 6.75 10.92
CA SER A 602 19.94 7.34 11.38
C SER A 602 18.97 7.68 10.25
N SER A 603 19.44 7.76 9.01
CA SER A 603 18.58 8.10 7.90
C SER A 603 19.24 7.62 6.62
N PRO A 604 18.46 7.40 5.54
CA PRO A 604 19.07 6.99 4.27
C PRO A 604 20.09 7.98 3.74
N GLN A 605 19.87 9.27 3.94
CA GLN A 605 20.79 10.31 3.51
C GLN A 605 22.05 10.36 4.35
N ASN A 606 22.09 9.64 5.47
CA ASN A 606 23.33 9.49 6.22
C ASN A 606 24.16 8.32 5.75
N ILE A 607 23.51 7.19 5.44
CA ILE A 607 24.22 6.06 4.85
C ILE A 607 24.77 6.43 3.47
N ILE A 608 23.94 7.08 2.66
CA ILE A 608 24.38 7.54 1.34
C ILE A 608 25.56 8.49 1.48
N SER A 609 25.47 9.41 2.44
CA SER A 609 26.56 10.38 2.63
C SER A 609 27.84 9.69 3.09
N MET A 610 27.74 8.73 4.00
CA MET A 610 28.93 7.99 4.40
C MET A 610 29.55 7.21 3.24
N SER A 611 28.72 6.77 2.29
CA SER A 611 29.27 6.11 1.11
C SER A 611 30.25 7.01 0.37
N TYR A 612 29.92 8.30 0.23
CA TYR A 612 30.84 9.26 -0.37
C TYR A 612 31.94 9.70 0.58
N LEU A 613 31.67 9.69 1.89
CA LEU A 613 32.61 10.26 2.84
C LEU A 613 33.77 9.31 3.16
N LYS A 614 33.52 8.01 3.02
CA LYS A 614 34.50 6.98 3.40
C LYS A 614 35.88 7.19 2.75
N PRO A 615 35.98 7.50 1.43
CA PRO A 615 37.32 7.68 0.84
C PRO A 615 38.11 8.83 1.44
N TYR A 616 37.44 9.78 2.09
CA TYR A 616 38.11 10.90 2.74
C TYR A 616 38.61 10.56 4.14
N GLY A 617 38.44 9.31 4.58
CA GLY A 617 38.92 8.89 5.87
C GLY A 617 37.98 9.17 7.04
N ILE A 618 36.75 9.59 6.76
CA ILE A 618 35.78 9.86 7.82
C ILE A 618 35.10 8.55 8.21
N GLY A 619 35.14 8.24 9.50
CA GLY A 619 34.54 7.02 10.00
C GLY A 619 33.41 7.28 10.97
N TRP A 620 33.02 6.27 11.73
CA TRP A 620 31.94 6.43 12.70
C TRP A 620 32.27 7.44 13.79
N GLY A 621 33.49 7.41 14.32
CA GLY A 621 33.86 8.35 15.36
C GLY A 621 33.91 9.79 14.90
N GLN A 622 34.50 10.02 13.73
CA GLN A 622 34.53 11.36 13.16
C GLN A 622 33.14 11.86 12.82
N PHE A 623 32.27 10.99 12.30
CA PHE A 623 30.88 11.37 12.03
C PHE A 623 30.16 11.74 13.31
N PHE A 624 30.32 10.92 14.36
CA PHE A 624 29.66 11.19 15.63
C PHE A 624 30.13 12.48 16.27
N ALA A 625 31.45 12.73 16.28
CA ALA A 625 31.98 13.91 16.95
C ALA A 625 31.40 15.19 16.37
N VAL A 626 30.99 15.17 15.11
CA VAL A 626 30.42 16.34 14.46
C VAL A 626 28.91 16.36 14.56
N ALA A 627 28.26 15.21 14.34
CA ALA A 627 26.81 15.19 14.19
C ALA A 627 26.05 15.03 15.50
N LEU A 628 26.68 14.50 16.54
CA LEU A 628 25.97 14.31 17.79
C LEU A 628 25.90 15.62 18.59
N PRO A 629 26.99 16.37 18.76
CA PRO A 629 26.86 17.67 19.42
C PRO A 629 25.91 18.62 18.69
N SER A 630 25.95 18.62 17.36
CA SER A 630 25.03 19.48 16.61
C SER A 630 23.58 19.10 16.85
N GLY A 631 23.27 17.82 16.79
CA GLY A 631 21.92 17.34 17.04
C GLY A 631 21.45 17.59 18.46
N ILE A 632 22.34 17.38 19.43
CA ILE A 632 22.00 17.63 20.83
C ILE A 632 21.71 19.10 21.07
N LEU A 633 22.57 19.99 20.55
CA LEU A 633 22.33 21.41 20.73
C LEU A 633 21.07 21.86 20.02
N ALA A 634 20.83 21.36 18.80
CA ALA A 634 19.61 21.70 18.08
C ALA A 634 18.38 21.23 18.83
N MET A 635 18.42 20.02 19.38
CA MET A 635 17.32 19.48 20.15
C MET A 635 17.07 20.26 21.44
N LEU A 636 18.13 20.66 22.14
CA LEU A 636 17.98 21.51 23.31
C LEU A 636 17.38 22.88 23.00
N LEU A 637 17.84 23.52 21.92
CA LEU A 637 17.26 24.78 21.49
C LEU A 637 15.80 24.64 21.09
N VAL A 638 15.45 23.57 20.38
CA VAL A 638 14.07 23.32 20.02
C VAL A 638 13.23 23.05 21.27
N TRP A 639 13.79 22.36 22.27
CA TRP A 639 13.07 22.13 23.52
C TRP A 639 12.82 23.45 24.26
N ILE A 640 13.80 24.35 24.27
CA ILE A 640 13.58 25.66 24.86
C ILE A 640 12.48 26.41 24.10
N LEU A 641 12.53 26.37 22.76
CA LEU A 641 11.48 27.00 21.97
C LEU A 641 10.11 26.42 22.30
N LEU A 642 10.03 25.11 22.46
CA LEU A 642 8.76 24.45 22.76
C LEU A 642 8.21 24.80 24.14
N PHE A 643 9.04 24.81 25.18
CA PHE A 643 8.48 25.14 26.48
C PHE A 643 8.39 26.63 26.72
N THR A 644 8.91 27.45 25.80
CA THR A 644 8.68 28.89 25.85
C THR A 644 7.45 29.33 25.07
N THR A 645 7.22 28.79 23.88
CA THR A 645 6.10 29.20 23.04
C THR A 645 4.79 28.52 23.39
N PHE A 646 4.81 27.51 24.27
CA PHE A 646 3.61 26.82 24.71
C PHE A 646 3.36 27.11 26.18
N LYS A 647 2.09 27.31 26.55
CA LYS A 647 1.72 27.62 27.92
C LYS A 647 1.52 26.34 28.73
N MET A 648 2.56 25.51 28.72
CA MET A 648 2.53 24.21 29.38
C MET A 648 3.20 24.19 30.74
N ASN A 649 3.99 25.21 31.08
CA ASN A 649 4.75 25.18 32.31
C ASN A 649 3.88 25.22 33.55
N LYS A 650 2.68 25.79 33.45
CA LYS A 650 1.73 25.82 34.56
C LYS A 650 0.75 24.66 34.36
N THR A 651 1.21 23.46 34.68
CA THR A 651 0.41 22.26 34.54
C THR A 651 0.69 21.34 35.73
N LYS A 652 -0.31 20.55 36.11
CA LYS A 652 -0.17 19.57 37.19
C LYS A 652 -0.06 18.19 36.57
N LEU A 653 1.06 17.53 36.82
CA LEU A 653 1.32 16.19 36.29
C LEU A 653 1.17 15.16 37.40
N GLU A 654 0.55 14.03 37.07
CA GLU A 654 0.38 12.96 38.02
C GLU A 654 1.73 12.42 38.47
N LYS A 655 1.90 12.24 39.77
CA LYS A 655 3.13 11.64 40.27
C LYS A 655 3.19 10.18 39.82
N PHE A 656 4.35 9.80 39.27
CA PHE A 656 4.53 8.48 38.68
C PHE A 656 5.54 7.69 39.49
N LYS A 657 5.05 6.71 40.23
CA LYS A 657 5.80 5.71 40.96
C LYS A 657 6.04 4.50 40.09
N PRO A 658 7.31 4.09 39.92
CA PRO A 658 7.62 3.07 38.91
C PRO A 658 6.99 1.72 39.23
N ILE A 659 6.43 1.10 38.20
CA ILE A 659 5.73 -0.18 38.34
C ILE A 659 6.77 -1.28 38.42
N LYS A 660 6.70 -2.08 39.50
CA LYS A 660 7.72 -3.09 39.78
C LYS A 660 7.16 -4.51 39.66
N THR A 661 6.11 -4.70 38.85
CA THR A 661 5.59 -6.03 38.62
C THR A 661 6.52 -6.84 37.74
N LYS A 662 6.40 -8.16 37.84
CA LYS A 662 7.23 -9.09 37.08
C LYS A 662 6.51 -9.48 35.79
N PHE A 663 7.24 -9.42 34.68
CA PHE A 663 6.67 -9.77 33.39
C PHE A 663 6.38 -11.26 33.33
N THR A 664 5.42 -11.62 32.48
CA THR A 664 5.05 -13.00 32.26
C THR A 664 5.74 -13.54 31.00
N VAL A 665 5.50 -14.83 30.73
CA VAL A 665 6.12 -15.47 29.57
C VAL A 665 5.64 -14.83 28.27
N LYS A 666 4.36 -14.48 28.19
CA LYS A 666 3.85 -13.76 27.02
C LYS A 666 4.47 -12.39 26.90
N GLN A 667 4.55 -11.65 28.01
CA GLN A 667 5.20 -10.34 28.00
C GLN A 667 6.68 -10.46 27.68
N TYR A 668 7.34 -11.48 28.21
CA TYR A 668 8.75 -11.70 27.88
C TYR A 668 8.94 -12.03 26.40
N TYR A 669 8.02 -12.80 25.82
CA TYR A 669 8.09 -13.08 24.38
C TYR A 669 7.92 -11.81 23.57
N ILE A 670 6.98 -10.95 23.95
CA ILE A 670 6.79 -9.68 23.26
C ILE A 670 8.03 -8.80 23.38
N ILE A 671 8.60 -8.72 24.58
CA ILE A 671 9.80 -7.93 24.80
C ILE A 671 10.97 -8.47 23.97
N THR A 672 11.13 -9.79 23.94
CA THR A 672 12.21 -10.40 23.17
C THR A 672 12.06 -10.10 21.68
N VAL A 673 10.85 -10.23 21.15
CA VAL A 673 10.64 -9.95 19.73
C VAL A 673 10.90 -8.49 19.42
N THR A 674 10.43 -7.58 20.29
CA THR A 674 10.67 -6.16 20.07
C THR A 674 12.15 -5.84 20.10
N VAL A 675 12.87 -6.37 21.08
CA VAL A 675 14.30 -6.09 21.21
C VAL A 675 15.07 -6.67 20.03
N ALA A 676 14.71 -7.89 19.60
CA ALA A 676 15.35 -8.48 18.44
C ALA A 676 15.10 -7.69 17.18
N THR A 677 13.88 -7.19 16.98
CA THR A 677 13.59 -6.36 15.82
C THR A 677 14.41 -5.08 15.84
N ILE A 678 14.48 -4.44 17.01
CA ILE A 678 15.28 -3.22 17.13
C ILE A 678 16.74 -3.51 16.84
N LEU A 679 17.28 -4.60 17.38
CA LEU A 679 18.68 -4.95 17.16
C LEU A 679 18.97 -5.28 15.71
N LEU A 680 18.06 -5.98 15.03
CA LEU A 680 18.20 -6.25 13.61
C LEU A 680 18.12 -4.98 12.77
N TRP A 681 17.31 -4.01 13.19
CA TRP A 681 17.31 -2.71 12.54
C TRP A 681 18.62 -1.94 12.76
N CYS A 682 19.26 -2.13 13.91
CA CYS A 682 20.54 -1.48 14.18
C CYS A 682 21.70 -2.06 13.38
N VAL A 683 21.68 -3.37 13.10
CA VAL A 683 22.78 -4.04 12.41
C VAL A 683 22.36 -4.40 11.00
N GLU A 684 21.44 -3.63 10.43
CA GLU A 684 20.90 -3.93 9.11
C GLU A 684 21.97 -4.05 8.03
N SER A 685 23.01 -3.20 8.07
CA SER A 685 24.04 -3.23 7.04
C SER A 685 24.87 -4.51 7.08
N GLN A 686 24.92 -5.21 8.22
CA GLN A 686 25.67 -6.45 8.33
C GLN A 686 24.83 -7.67 8.03
N ILE A 687 23.54 -7.51 7.81
CA ILE A 687 22.65 -8.63 7.50
C ILE A 687 21.88 -8.31 6.23
N GLU A 688 22.32 -7.30 5.50
CA GLU A 688 21.67 -6.90 4.26
C GLU A 688 21.86 -7.90 3.13
N GLY A 689 22.90 -8.72 3.19
CA GLY A 689 23.07 -9.77 2.19
C GLY A 689 22.02 -10.85 2.25
N ALA A 690 21.28 -10.94 3.35
CA ALA A 690 20.18 -11.90 3.49
C ALA A 690 18.82 -11.22 3.43
N PHE A 691 18.64 -10.12 4.16
CA PHE A 691 17.35 -9.47 4.25
C PHE A 691 17.15 -8.39 3.19
N GLY A 692 18.22 -7.67 2.83
CA GLY A 692 18.11 -6.68 1.78
C GLY A 692 17.73 -5.29 2.23
N SER A 693 16.78 -5.18 3.15
CA SER A 693 16.35 -3.89 3.65
C SER A 693 15.79 -4.06 5.07
N SER A 694 15.61 -2.93 5.74
CA SER A 694 14.92 -2.89 7.02
C SER A 694 13.43 -3.15 6.89
N GLY A 695 12.86 -2.95 5.70
CA GLY A 695 11.46 -3.28 5.48
C GLY A 695 11.19 -4.76 5.43
N GLN A 696 12.18 -5.58 5.08
CA GLN A 696 12.03 -7.02 5.18
C GLN A 696 12.13 -7.48 6.63
N ILE A 697 13.03 -6.87 7.40
CA ILE A 697 13.11 -7.13 8.84
C ILE A 697 11.83 -6.70 9.53
N ALA A 698 11.20 -5.62 9.07
CA ALA A 698 9.96 -5.13 9.63
C ALA A 698 8.81 -6.12 9.50
N ILE A 699 8.89 -7.08 8.58
CA ILE A 699 7.84 -8.08 8.44
C ILE A 699 7.83 -9.03 9.62
N ILE A 700 8.99 -9.34 10.18
CA ILE A 700 9.13 -10.35 11.23
C ILE A 700 8.25 -10.06 12.43
N PRO A 701 8.28 -8.84 13.02
CA PRO A 701 7.33 -8.57 14.12
C PRO A 701 5.87 -8.68 13.70
N ILE A 702 5.54 -8.27 12.47
CA ILE A 702 4.16 -8.34 12.00
C ILE A 702 3.68 -9.79 11.97
N VAL A 703 4.48 -10.67 11.38
CA VAL A 703 4.11 -12.08 11.31
C VAL A 703 4.09 -12.70 12.69
N LEU A 704 5.04 -12.36 13.55
CA LEU A 704 5.17 -12.98 14.86
C LEU A 704 4.16 -12.46 15.87
N PHE A 705 3.51 -11.33 15.62
CA PHE A 705 2.52 -10.82 16.56
C PHE A 705 1.11 -11.03 16.04
N PHE A 706 0.89 -10.81 14.74
CA PHE A 706 -0.41 -11.09 14.14
C PHE A 706 -0.62 -12.58 13.89
N GLY A 707 0.43 -13.31 13.52
CA GLY A 707 0.28 -14.72 13.23
C GLY A 707 0.11 -15.59 14.46
N THR A 708 0.58 -15.13 15.62
CA THR A 708 0.44 -15.86 16.86
C THR A 708 -0.83 -15.47 17.62
N GLY A 709 -1.67 -14.61 17.05
CA GLY A 709 -2.91 -14.25 17.68
C GLY A 709 -2.81 -13.17 18.74
N LEU A 710 -1.62 -12.64 18.99
CA LEU A 710 -1.48 -11.55 19.95
C LEU A 710 -2.19 -10.29 19.48
N LEU A 711 -2.23 -10.06 18.17
CA LEU A 711 -2.98 -8.99 17.57
C LEU A 711 -3.98 -9.58 16.57
N SER A 712 -5.16 -8.96 16.50
CA SER A 712 -6.26 -9.47 15.71
C SER A 712 -6.37 -8.71 14.40
N THR A 713 -7.33 -9.13 13.57
CA THR A 713 -7.61 -8.44 12.32
C THR A 713 -8.14 -7.04 12.57
N GLN A 714 -8.99 -6.87 13.59
CA GLN A 714 -9.49 -5.55 13.95
C GLN A 714 -8.38 -4.62 14.43
N ASP A 715 -7.34 -5.17 15.06
CA ASP A 715 -6.18 -4.36 15.44
C ASP A 715 -5.43 -3.84 14.21
N LEU A 716 -5.31 -4.67 13.17
CA LEU A 716 -4.69 -4.23 11.94
C LEU A 716 -5.55 -3.25 11.16
N ASN A 717 -6.88 -3.42 11.19
CA ASN A 717 -7.77 -2.47 10.55
C ASN A 717 -7.87 -1.16 11.34
N ALA A 718 -7.41 -1.14 12.58
CA ALA A 718 -7.38 0.06 13.40
C ALA A 718 -6.05 0.80 13.31
N PHE A 719 -5.18 0.38 12.39
CA PHE A 719 -3.93 1.08 12.18
C PHE A 719 -4.19 2.45 11.54
N PRO A 720 -3.30 3.42 11.77
CA PRO A 720 -3.46 4.73 11.12
C PRO A 720 -3.11 4.70 9.65
N TRP A 721 -4.05 4.28 8.80
CA TRP A 721 -3.78 4.13 7.37
C TRP A 721 -3.71 5.45 6.63
N SER A 722 -4.29 6.52 7.18
CA SER A 722 -4.11 7.84 6.59
C SER A 722 -2.64 8.28 6.65
N ILE A 723 -1.94 7.93 7.73
CA ILE A 723 -0.50 8.17 7.80
C ILE A 723 0.23 7.44 6.69
N VAL A 724 -0.13 6.17 6.44
CA VAL A 724 0.50 5.40 5.38
C VAL A 724 0.25 6.04 4.03
N ILE A 725 -0.99 6.47 3.77
CA ILE A 725 -1.32 7.10 2.48
C ILE A 725 -0.56 8.40 2.31
N LEU A 726 -0.46 9.21 3.36
CA LEU A 726 0.29 10.46 3.29
C LEU A 726 1.77 10.22 3.02
N ALA A 727 2.34 9.21 3.67
CA ALA A 727 3.74 8.87 3.41
C ALA A 727 3.94 8.40 1.98
N MET A 728 3.03 7.58 1.47
CA MET A 728 3.11 7.13 0.08
C MET A 728 3.03 8.30 -0.89
N GLY A 729 2.14 9.25 -0.63
CA GLY A 729 2.08 10.46 -1.45
C GLY A 729 3.33 11.29 -1.43
N GLY A 730 3.97 11.44 -0.26
CA GLY A 730 5.24 12.10 -0.19
C GLY A 730 6.31 11.41 -1.02
N ILE A 731 6.34 10.07 -0.93
CA ILE A 731 7.30 9.30 -1.72
C ILE A 731 7.06 9.48 -3.21
N ALA A 732 5.78 9.46 -3.63
CA ALA A 732 5.46 9.64 -5.04
C ALA A 732 5.87 11.02 -5.53
N LEU A 733 5.63 12.06 -4.72
CA LEU A 733 6.05 13.41 -5.10
C LEU A 733 7.56 13.50 -5.24
N GLY A 734 8.30 12.91 -4.29
CA GLY A 734 9.75 12.90 -4.41
C GLY A 734 10.24 12.18 -5.65
N LYS A 735 9.60 11.04 -5.98
CA LYS A 735 9.99 10.30 -7.17
C LYS A 735 9.70 11.09 -8.43
N ALA A 736 8.57 11.79 -8.47
CA ALA A 736 8.26 12.65 -9.61
C ALA A 736 9.31 13.75 -9.77
N VAL A 737 9.69 14.38 -8.65
CA VAL A 737 10.72 15.42 -8.69
C VAL A 737 12.03 14.86 -9.21
N SER A 738 12.41 13.66 -8.75
CA SER A 738 13.68 13.07 -9.18
C SER A 738 13.65 12.70 -10.66
N SER A 739 12.57 12.06 -11.12
CA SER A 739 12.50 11.61 -12.51
C SER A 739 12.41 12.78 -13.47
N SER A 740 11.72 13.85 -13.10
CA SER A 740 11.60 15.01 -13.97
C SER A 740 12.96 15.65 -14.22
N GLY A 741 13.82 15.65 -13.22
CA GLY A 741 15.05 16.41 -13.27
C GLY A 741 14.92 17.84 -12.79
N LEU A 742 13.82 18.18 -12.11
CA LEU A 742 13.57 19.55 -11.71
C LEU A 742 14.57 20.02 -10.67
N LEU A 743 14.77 19.23 -9.61
CA LEU A 743 15.68 19.62 -8.54
C LEU A 743 17.14 19.60 -8.97
N SER A 744 17.52 18.71 -9.87
CA SER A 744 18.87 18.71 -10.43
C SER A 744 19.19 19.99 -11.19
N THR A 745 18.26 20.50 -11.99
CA THR A 745 18.45 21.77 -12.68
C THR A 745 18.57 22.96 -11.73
N ILE A 746 17.73 23.01 -10.69
CA ILE A 746 17.84 24.07 -9.69
C ILE A 746 19.20 24.00 -8.99
N ALA A 747 19.62 22.80 -8.60
CA ALA A 747 20.88 22.60 -7.91
C ALA A 747 22.09 22.88 -8.78
N LYS A 748 22.03 22.62 -10.08
CA LYS A 748 23.11 22.95 -10.99
C LYS A 748 23.10 24.41 -11.41
N ALA A 749 21.95 25.09 -11.33
CA ALA A 749 21.93 26.54 -11.50
C ALA A 749 22.49 27.25 -10.29
N LEU A 750 22.22 26.73 -9.09
CA LEU A 750 22.87 27.25 -7.89
C LEU A 750 24.37 27.01 -7.94
N GLN A 751 24.78 25.85 -8.43
CA GLN A 751 26.19 25.46 -8.46
C GLN A 751 27.02 26.39 -9.34
N LYS A 752 26.42 26.90 -10.41
CA LYS A 752 27.13 27.79 -11.33
C LYS A 752 27.38 29.18 -10.77
N LYS A 753 26.68 29.57 -9.70
CA LYS A 753 26.84 30.90 -9.13
C LYS A 753 27.73 30.89 -7.90
N ILE A 754 27.41 30.02 -6.93
CA ILE A 754 28.07 30.06 -5.63
C ILE A 754 29.45 29.44 -5.68
N GLU A 755 29.80 28.81 -6.79
CA GLU A 755 31.15 28.23 -6.90
C GLU A 755 32.18 29.34 -7.11
N ASN A 756 33.45 28.99 -6.84
CA ASN A 756 34.57 29.90 -6.58
C ASN A 756 34.46 30.63 -5.24
N ASP A 757 33.34 30.48 -4.53
CA ASP A 757 33.23 31.10 -3.22
C ASP A 757 33.92 30.25 -2.15
N GLY A 758 33.98 30.79 -0.94
CA GLY A 758 34.57 30.06 0.16
C GLY A 758 33.73 28.88 0.60
N VAL A 759 34.39 27.95 1.31
CA VAL A 759 33.73 26.71 1.72
C VAL A 759 32.55 27.01 2.64
N PHE A 760 32.67 28.01 3.50
CA PHE A 760 31.57 28.35 4.40
C PHE A 760 30.35 28.88 3.64
N ALA A 761 30.56 29.72 2.64
CA ALA A 761 29.45 30.27 1.86
C ALA A 761 28.74 29.23 1.00
N ILE A 762 29.50 28.38 0.30
CA ILE A 762 28.90 27.27 -0.43
C ILE A 762 28.15 26.32 0.48
N LEU A 763 28.58 26.20 1.73
CA LEU A 763 27.85 25.41 2.72
C LEU A 763 26.54 26.06 3.15
N CYS A 764 26.55 27.34 3.49
CA CYS A 764 25.33 28.03 3.91
C CYS A 764 24.30 28.13 2.79
N ILE A 765 24.73 28.47 1.57
CA ILE A 765 23.77 28.61 0.47
C ILE A 765 23.13 27.27 0.13
N PHE A 766 23.94 26.22 0.01
CA PHE A 766 23.37 24.91 -0.27
C PHE A 766 22.53 24.37 0.87
N GLY A 767 22.90 24.65 2.12
CA GLY A 767 22.08 24.26 3.24
C GLY A 767 20.74 24.96 3.26
N ILE A 768 20.73 26.24 2.89
CA ILE A 768 19.48 26.97 2.75
C ILE A 768 18.63 26.34 1.64
N LEU A 769 19.27 25.97 0.54
CA LEU A 769 18.54 25.33 -0.56
C LEU A 769 17.88 24.03 -0.10
N MET A 770 18.64 23.14 0.54
CA MET A 770 18.03 21.89 1.00
C MET A 770 17.12 22.09 2.21
N LEU A 771 17.19 23.22 2.89
CA LEU A 771 16.19 23.56 3.91
C LEU A 771 14.88 24.02 3.31
N VAL A 772 14.92 24.69 2.16
CA VAL A 772 13.71 25.06 1.45
C VAL A 772 13.16 23.89 0.62
N VAL A 773 14.03 23.05 0.08
CA VAL A 773 13.56 21.91 -0.70
C VAL A 773 13.14 20.77 0.22
N GLY A 774 13.89 20.54 1.30
CA GLY A 774 13.61 19.42 2.18
C GLY A 774 12.32 19.53 2.96
N THR A 775 11.79 20.73 3.15
CA THR A 775 10.50 20.89 3.80
C THR A 775 9.34 20.57 2.88
N PHE A 776 9.58 20.54 1.58
CA PHE A 776 8.55 20.20 0.59
C PHE A 776 8.81 18.87 -0.11
N VAL A 777 10.08 18.55 -0.38
CA VAL A 777 10.47 17.31 -1.03
C VAL A 777 11.17 16.43 0.00
N SER A 778 11.12 15.11 -0.22
CA SER A 778 11.74 14.17 0.69
C SER A 778 13.22 14.45 0.82
N HIS A 779 13.75 14.31 2.04
CA HIS A 779 15.16 14.55 2.30
C HIS A 779 16.05 13.55 1.58
N THR A 780 15.59 12.32 1.38
CA THR A 780 16.40 11.32 0.71
C THR A 780 16.64 11.70 -0.75
N VAL A 781 15.58 12.10 -1.45
CA VAL A 781 15.70 12.47 -2.86
C VAL A 781 16.59 13.70 -3.01
N SER A 782 16.38 14.70 -2.15
CA SER A 782 17.18 15.91 -2.20
C SER A 782 18.65 15.62 -1.94
N ALA A 783 18.94 14.76 -0.96
CA ALA A 783 20.32 14.38 -0.68
C ALA A 783 20.94 13.62 -1.85
N ILE A 784 20.19 12.67 -2.42
CA ILE A 784 20.70 11.89 -3.54
C ILE A 784 21.06 12.79 -4.71
N ILE A 785 20.26 13.82 -4.97
CA ILE A 785 20.55 14.75 -6.04
C ILE A 785 21.70 15.70 -5.69
N ILE A 786 21.74 16.22 -4.47
CA ILE A 786 22.65 17.33 -4.16
C ILE A 786 24.02 16.90 -3.67
N ILE A 787 24.11 15.87 -2.82
CA ILE A 787 25.38 15.44 -2.23
C ILE A 787 26.42 15.12 -3.31
N PRO A 788 26.07 14.43 -4.40
CA PRO A 788 27.05 14.26 -5.48
C PRO A 788 27.51 15.56 -6.12
N LEU A 789 26.67 16.60 -6.14
CA LEU A 789 27.03 17.86 -6.77
C LEU A 789 27.97 18.71 -5.90
N VAL A 790 27.70 18.79 -4.60
CA VAL A 790 28.58 19.53 -3.71
C VAL A 790 29.96 18.89 -3.67
N GLN A 791 30.03 17.57 -3.89
CA GLN A 791 31.32 16.90 -3.98
C GLN A 791 32.13 17.42 -5.15
N GLU A 792 31.50 17.58 -6.31
CA GLU A 792 32.19 18.15 -7.46
C GLU A 792 32.54 19.61 -7.23
N VAL A 793 31.67 20.35 -6.54
CA VAL A 793 31.97 21.74 -6.22
C VAL A 793 33.22 21.83 -5.34
N GLY A 794 33.32 20.96 -4.35
CA GLY A 794 34.46 20.96 -3.45
C GLY A 794 35.69 20.29 -4.01
N ASP A 795 35.51 19.35 -4.94
CA ASP A 795 36.64 18.65 -5.53
C ASP A 795 37.44 19.57 -6.43
N LYS A 796 36.86 20.72 -6.79
CA LYS A 796 37.52 21.71 -7.62
C LYS A 796 38.12 22.87 -6.82
N LEU A 797 37.75 23.00 -5.55
CA LEU A 797 38.30 24.07 -4.72
C LEU A 797 39.75 23.76 -4.33
N GLY A 798 40.48 24.80 -3.94
CA GLY A 798 41.86 24.64 -3.52
C GLY A 798 42.03 24.00 -2.16
N ASN A 799 41.02 24.07 -1.30
CA ASN A 799 41.10 23.44 0.01
C ASN A 799 41.01 21.92 -0.13
N PRO A 800 41.96 21.17 0.41
CA PRO A 800 41.88 19.70 0.37
C PRO A 800 40.83 19.12 1.31
N LYS A 801 40.39 19.88 2.30
CA LYS A 801 39.32 19.48 3.21
C LYS A 801 37.95 19.97 2.77
N ALA A 802 37.87 20.62 1.60
CA ALA A 802 36.63 21.26 1.19
C ALA A 802 35.56 20.24 0.85
N ALA A 803 35.92 19.21 0.09
CA ALA A 803 34.95 18.21 -0.35
C ALA A 803 34.34 17.42 0.82
N PRO A 804 35.15 16.88 1.74
CA PRO A 804 34.55 16.20 2.90
C PRO A 804 33.69 17.13 3.74
N ILE A 805 34.13 18.37 3.92
CA ILE A 805 33.36 19.32 4.71
C ILE A 805 32.00 19.60 4.06
N LEU A 806 31.99 19.84 2.76
CA LEU A 806 30.73 20.08 2.06
C LEU A 806 29.81 18.86 2.06
N VAL A 807 30.36 17.66 1.81
CA VAL A 807 29.51 16.47 1.83
C VAL A 807 28.92 16.24 3.22
N PHE A 808 29.74 16.35 4.27
CA PHE A 808 29.25 16.18 5.63
C PHE A 808 28.21 17.23 6.00
N GLY A 809 28.48 18.49 5.68
CA GLY A 809 27.54 19.55 6.02
C GLY A 809 26.22 19.39 5.31
N CYS A 810 26.25 19.12 4.01
CA CYS A 810 25.02 18.92 3.25
C CYS A 810 24.29 17.67 3.70
N ALA A 811 25.00 16.65 4.17
CA ALA A 811 24.34 15.52 4.79
C ALA A 811 23.59 15.92 6.05
N LEU A 812 24.22 16.73 6.90
CA LEU A 812 23.58 17.18 8.13
C LEU A 812 22.44 18.15 7.87
N LEU A 813 22.61 19.04 6.88
CA LEU A 813 21.61 20.07 6.58
C LEU A 813 20.48 19.56 5.70
N SER A 814 20.58 18.34 5.20
CA SER A 814 19.51 17.75 4.40
C SER A 814 18.32 17.32 5.25
N SER A 815 18.44 17.33 6.57
CA SER A 815 17.38 16.90 7.46
C SER A 815 16.76 18.05 8.25
N CYS A 816 17.20 19.29 8.01
CA CYS A 816 16.72 20.43 8.76
C CYS A 816 15.34 20.90 8.34
N GLY A 817 14.91 20.60 7.11
CA GLY A 817 13.59 21.02 6.67
C GLY A 817 12.49 20.25 7.36
N MET A 818 11.84 20.87 8.33
CA MET A 818 10.82 20.21 9.14
C MET A 818 9.61 21.11 9.38
N GLY A 819 9.44 22.15 8.58
CA GLY A 819 8.38 23.12 8.81
C GLY A 819 7.01 22.68 8.35
N LEU A 820 6.94 21.78 7.38
CA LEU A 820 5.67 21.33 6.83
C LEU A 820 5.26 20.02 7.47
N ALA A 821 3.99 19.94 7.88
CA ALA A 821 3.47 18.78 8.60
C ALA A 821 3.17 17.60 7.68
N SER A 822 3.27 17.78 6.36
CA SER A 822 2.96 16.73 5.40
C SER A 822 4.22 16.29 4.65
N SER A 823 5.36 16.31 5.33
CA SER A 823 6.62 15.91 4.70
C SER A 823 7.48 15.28 5.78
N GLY A 824 7.85 14.02 5.60
CA GLY A 824 8.64 13.31 6.59
C GLY A 824 7.78 12.45 7.49
N PHE A 825 8.27 11.27 7.85
CA PHE A 825 7.55 10.34 8.70
C PHE A 825 7.23 10.90 10.08
N PRO A 826 8.19 11.51 10.79
CA PRO A 826 7.84 12.11 12.10
C PRO A 826 6.76 13.17 12.01
N ASN A 827 6.78 13.99 10.97
CA ASN A 827 5.79 15.05 10.79
C ASN A 827 4.43 14.50 10.41
N VAL A 828 4.41 13.50 9.52
CA VAL A 828 3.15 12.88 9.11
C VAL A 828 2.52 12.13 10.28
N THR A 829 3.33 11.50 11.12
CA THR A 829 2.82 10.80 12.30
C THR A 829 2.21 11.75 13.31
N ALA A 830 2.85 12.91 13.53
CA ALA A 830 2.39 13.82 14.57
C ALA A 830 1.14 14.59 14.14
N ILE A 831 1.03 14.90 12.84
CA ILE A 831 -0.11 15.68 12.38
C ILE A 831 -1.40 14.87 12.43
N SER A 832 -1.29 13.53 12.43
CA SER A 832 -2.45 12.67 12.41
C SER A 832 -2.85 12.16 13.79
N LYS A 833 -2.07 12.46 14.84
CA LYS A 833 -2.42 12.02 16.18
C LYS A 833 -3.70 12.67 16.65
N VAL A 834 -4.56 11.89 17.29
CA VAL A 834 -5.87 12.35 17.75
C VAL A 834 -6.02 11.98 19.22
N ASP A 835 -6.84 12.76 19.91
CA ASP A 835 -7.08 12.52 21.33
C ASP A 835 -8.15 11.43 21.51
N ARG A 836 -8.62 11.26 22.74
CA ARG A 836 -9.63 10.23 23.02
C ARG A 836 -10.95 10.54 22.35
N LYS A 837 -11.26 11.82 22.16
CA LYS A 837 -12.49 12.23 21.47
C LYS A 837 -12.32 12.32 19.97
N GLY A 838 -11.10 12.13 19.46
CA GLY A 838 -10.86 12.10 18.03
C GLY A 838 -10.38 13.40 17.42
N ASP A 839 -10.08 14.41 18.22
CA ASP A 839 -9.60 15.69 17.71
C ASP A 839 -8.08 15.68 17.63
N ARG A 840 -7.54 16.16 16.51
CA ARG A 840 -6.10 16.20 16.34
C ARG A 840 -5.47 17.20 17.29
N TYR A 841 -4.32 16.83 17.86
CA TYR A 841 -3.58 17.74 18.73
C TYR A 841 -3.01 18.92 17.98
N LEU A 842 -2.48 18.69 16.78
CA LEU A 842 -1.72 19.70 16.04
C LEU A 842 -2.41 20.02 14.73
N SER A 843 -2.31 21.28 14.32
CA SER A 843 -2.71 21.72 13.00
C SER A 843 -1.46 21.97 12.15
N VAL A 844 -1.68 22.18 10.86
CA VAL A 844 -0.57 22.57 9.98
C VAL A 844 -0.02 23.93 10.34
N MET A 845 -0.85 24.84 10.84
CA MET A 845 -0.41 26.16 11.27
C MET A 845 0.54 26.11 12.46
N THR A 846 0.27 25.24 13.44
CA THR A 846 1.20 25.08 14.56
C THR A 846 2.54 24.53 14.09
N PHE A 847 2.51 23.58 13.16
CA PHE A 847 3.74 23.06 12.57
C PHE A 847 4.51 24.16 11.86
N LEU A 848 3.81 25.02 11.12
CA LEU A 848 4.49 26.13 10.46
C LEU A 848 5.07 27.12 11.46
N THR A 849 4.33 27.41 12.53
CA THR A 849 4.77 28.45 13.47
C THR A 849 5.90 27.99 14.37
N ARG A 850 6.04 26.69 14.63
CA ARG A 850 7.13 26.21 15.46
C ARG A 850 8.23 25.48 14.71
N GLY A 851 7.89 24.63 13.74
CA GLY A 851 8.89 23.85 13.03
C GLY A 851 9.69 24.62 12.00
N VAL A 852 9.24 25.81 11.62
CA VAL A 852 10.04 26.67 10.74
C VAL A 852 11.08 27.40 11.58
N PRO A 853 10.74 27.97 12.74
CA PRO A 853 11.81 28.41 13.67
C PRO A 853 12.66 27.27 14.20
N ALA A 854 12.15 26.05 14.26
CA ALA A 854 12.92 24.88 14.66
C ALA A 854 13.77 24.34 13.53
N SER A 855 13.51 24.77 12.29
CA SER A 855 14.37 24.48 11.16
C SER A 855 15.54 25.45 11.03
N ILE A 856 15.33 26.72 11.35
CA ILE A 856 16.43 27.67 11.41
C ILE A 856 17.34 27.35 12.59
N LEU A 857 16.77 26.92 13.72
CA LEU A 857 17.58 26.54 14.87
C LEU A 857 18.44 25.32 14.59
N ALA A 858 17.92 24.33 13.87
CA ALA A 858 18.68 23.15 13.51
C ALA A 858 19.64 23.40 12.36
N PHE A 859 19.48 24.52 11.66
CA PHE A 859 20.40 24.93 10.60
C PHE A 859 21.54 25.81 11.09
N LEU A 860 21.32 26.65 12.10
CA LEU A 860 22.40 27.44 12.67
C LEU A 860 23.30 26.59 13.55
N CYS A 861 22.77 25.52 14.14
CA CYS A 861 23.58 24.63 14.97
C CYS A 861 24.55 23.80 14.14
N VAL A 862 24.25 23.56 12.86
CA VAL A 862 25.15 22.79 12.00
C VAL A 862 26.25 23.64 11.39
N ILE A 863 25.96 24.88 11.00
CA ILE A 863 26.95 25.74 10.35
C ILE A 863 27.77 26.53 11.34
N THR A 864 27.48 26.43 12.64
CA THR A 864 28.28 27.09 13.67
C THR A 864 29.02 26.08 14.54
N LEU A 865 28.30 25.15 15.16
CA LEU A 865 28.93 24.13 15.98
C LEU A 865 29.51 23.03 15.09
N GLY A 866 28.68 22.50 14.18
CA GLY A 866 29.13 21.42 13.32
C GLY A 866 30.31 21.81 12.46
N TYR A 867 30.26 23.00 11.86
CA TYR A 867 31.39 23.46 11.07
C TYR A 867 32.64 23.67 11.91
N GLY A 868 32.47 24.19 13.14
CA GLY A 868 33.61 24.32 14.04
C GLY A 868 34.25 23.00 14.39
N ILE A 869 33.43 21.96 14.58
CA ILE A 869 34.00 20.63 14.83
C ILE A 869 34.66 20.06 13.58
N MET A 870 34.06 20.26 12.39
CA MET A 870 34.67 19.79 11.16
C MET A 870 36.00 20.48 10.89
N ALA A 871 36.16 21.73 11.32
CA ALA A 871 37.40 22.44 11.06
C ALA A 871 38.61 21.74 11.64
N SER A 872 38.43 20.91 12.66
CA SER A 872 39.53 20.16 13.28
C SER A 872 39.41 18.67 12.98
N VAL A 873 38.21 18.10 13.09
CA VAL A 873 37.99 16.66 12.93
C VAL A 873 38.34 16.23 11.51
N VAL A 874 37.89 17.00 10.52
CA VAL A 874 38.15 16.66 9.13
C VAL A 874 39.62 16.94 8.82
N LYS A 875 40.33 15.91 8.34
CA LYS A 875 41.75 16.03 8.04
C LYS A 875 42.04 16.20 6.56
N GLY A 876 41.19 15.68 5.68
CA GLY A 876 41.40 15.80 4.25
C GLY A 876 42.35 14.75 3.70
N GLY B 378 -5.49 -9.06 25.59
CA GLY B 378 -4.69 -8.37 26.58
C GLY B 378 -4.33 -9.22 27.78
N LYS B 379 -4.71 -10.50 27.73
CA LYS B 379 -4.44 -11.41 28.83
C LYS B 379 -2.97 -11.81 28.79
N LEU B 380 -2.28 -11.65 29.92
CA LEU B 380 -0.84 -11.89 30.01
C LEU B 380 -0.53 -13.28 30.54
N ASP B 381 -1.46 -14.22 30.46
CA ASP B 381 -1.28 -15.54 31.04
C ASP B 381 -1.35 -16.60 29.95
N LEU B 382 -0.63 -17.70 30.18
CA LEU B 382 -0.57 -18.81 29.24
C LEU B 382 -0.88 -20.11 29.97
N GLU B 383 -1.33 -21.09 29.20
CA GLU B 383 -1.63 -22.42 29.72
C GLU B 383 -0.46 -23.36 29.47
N TYR B 384 -0.23 -24.27 30.42
CA TYR B 384 0.89 -25.18 30.37
C TYR B 384 0.41 -26.61 30.51
N TYR B 385 1.17 -27.52 29.93
CA TYR B 385 0.92 -28.96 30.07
C TYR B 385 1.57 -29.54 31.30
N ARG B 386 2.30 -28.74 32.06
CA ARG B 386 2.91 -29.13 33.34
C ARG B 386 3.91 -30.26 33.08
N TRP B 387 4.03 -31.19 34.02
CA TRP B 387 5.04 -32.26 33.93
C TRP B 387 4.95 -33.10 32.65
N PRO B 388 3.75 -33.52 32.19
CA PRO B 388 3.71 -34.23 30.89
C PRO B 388 4.31 -33.43 29.74
N VAL B 403 9.93 -30.09 31.23
CA VAL B 403 9.25 -30.29 32.50
C VAL B 403 7.97 -29.44 32.54
N ALA B 404 7.94 -28.40 31.70
CA ALA B 404 6.77 -27.53 31.62
C ALA B 404 6.74 -26.92 30.21
N LEU B 405 5.88 -27.49 29.35
CA LEU B 405 5.78 -26.98 27.98
C LEU B 405 4.40 -26.38 27.75
N PRO B 406 4.32 -25.21 27.15
CA PRO B 406 3.03 -24.55 26.95
C PRO B 406 2.15 -25.30 25.95
N LYS B 407 0.85 -25.04 26.00
CA LYS B 407 -0.13 -25.78 25.22
C LYS B 407 -0.33 -25.24 23.81
N LEU B 408 0.37 -24.18 23.43
CA LEU B 408 0.31 -23.66 22.06
C LEU B 408 1.15 -24.47 21.09
N PHE B 409 1.98 -25.39 21.58
CA PHE B 409 2.80 -26.23 20.72
C PHE B 409 2.14 -27.56 20.39
N PHE B 410 0.90 -27.77 20.84
CA PHE B 410 0.20 -29.04 20.63
C PHE B 410 -1.20 -28.83 20.06
N THR B 411 -1.49 -27.63 19.55
CA THR B 411 -2.76 -27.36 18.92
C THR B 411 -2.72 -27.79 17.45
N LYS B 412 -3.86 -27.69 16.77
CA LYS B 412 -3.90 -28.06 15.36
C LYS B 412 -3.17 -27.03 14.49
N LYS B 413 -3.18 -25.76 14.89
CA LYS B 413 -2.42 -24.75 14.17
C LYS B 413 -0.93 -25.04 14.23
N ALA B 414 -0.44 -25.44 15.41
CA ALA B 414 0.96 -25.81 15.54
C ALA B 414 1.29 -27.02 14.69
N TYR B 415 0.38 -28.01 14.63
CA TYR B 415 0.60 -29.17 13.78
C TYR B 415 0.63 -28.80 12.30
N LYS B 416 -0.25 -27.89 11.86
CA LYS B 416 -0.21 -27.42 10.49
C LYS B 416 1.11 -26.74 10.17
N ILE B 417 1.59 -25.90 11.09
CA ILE B 417 2.86 -25.20 10.86
C ILE B 417 4.02 -26.19 10.83
N TYR B 418 4.02 -27.18 11.72
CA TYR B 418 5.05 -28.21 11.70
C TYR B 418 5.07 -28.93 10.36
N PHE B 419 3.89 -29.34 9.88
CA PHE B 419 3.80 -30.05 8.61
C PHE B 419 4.26 -29.16 7.46
N ILE B 420 3.90 -27.88 7.47
CA ILE B 420 4.28 -26.98 6.39
C ILE B 420 5.79 -26.80 6.35
N ILE B 421 6.41 -26.59 7.52
CA ILE B 421 7.86 -26.46 7.57
C ILE B 421 8.53 -27.76 7.11
N LEU B 422 7.97 -28.90 7.52
CA LEU B 422 8.51 -30.19 7.09
C LEU B 422 8.49 -30.32 5.57
N VAL B 423 7.35 -30.02 4.95
CA VAL B 423 7.23 -30.17 3.51
C VAL B 423 8.12 -29.18 2.78
N THR B 424 8.18 -27.94 3.25
CA THR B 424 9.03 -26.94 2.60
C THR B 424 10.51 -27.32 2.70
N GLY B 425 10.95 -27.79 3.86
CA GLY B 425 12.32 -28.25 3.98
C GLY B 425 12.62 -29.47 3.14
N LEU B 426 11.67 -30.39 3.02
CA LEU B 426 11.85 -31.54 2.14
C LEU B 426 11.94 -31.12 0.68
N LEU B 427 11.12 -30.15 0.26
CA LEU B 427 11.17 -29.67 -1.11
C LEU B 427 12.49 -28.96 -1.39
N LEU B 428 12.97 -28.15 -0.43
CA LEU B 428 14.23 -27.46 -0.62
C LEU B 428 15.42 -28.42 -0.62
N GLY B 429 15.38 -29.44 0.22
CA GLY B 429 16.48 -30.39 0.30
C GLY B 429 16.58 -31.34 -0.89
N ILE B 430 15.44 -31.80 -1.39
CA ILE B 430 15.41 -32.74 -2.50
C ILE B 430 15.50 -31.98 -3.81
N LYS B 431 16.40 -32.42 -4.68
CA LYS B 431 16.67 -31.72 -5.93
C LYS B 431 15.49 -31.92 -6.89
N THR B 432 14.82 -30.82 -7.25
CA THR B 432 13.64 -30.91 -8.10
C THR B 432 13.85 -30.28 -9.47
N PHE B 433 14.14 -28.99 -9.50
CA PHE B 433 14.32 -28.28 -10.76
C PHE B 433 15.80 -27.99 -11.00
N ASN B 434 16.21 -28.06 -12.27
CA ASN B 434 17.61 -27.81 -12.59
C ASN B 434 18.03 -26.40 -12.23
N ASP B 435 17.17 -25.41 -12.46
CA ASP B 435 17.44 -24.05 -12.05
C ASP B 435 17.24 -23.91 -10.55
N ALA B 436 18.24 -23.34 -9.87
CA ALA B 436 18.17 -23.20 -8.42
C ALA B 436 17.04 -22.24 -8.00
N ALA B 437 16.88 -21.13 -8.72
CA ALA B 437 15.81 -20.20 -8.41
C ALA B 437 14.44 -20.84 -8.61
N GLN B 438 14.25 -21.60 -9.68
CA GLN B 438 12.99 -22.30 -9.88
C GLN B 438 12.77 -23.38 -8.82
N HIS B 439 13.86 -24.07 -8.43
CA HIS B 439 13.77 -25.08 -7.39
C HIS B 439 13.34 -24.49 -6.06
N ARG B 440 13.86 -23.29 -5.72
CA ARG B 440 13.44 -22.62 -4.50
C ARG B 440 12.05 -22.00 -4.63
N CYS B 441 11.68 -21.53 -5.83
CA CYS B 441 10.35 -20.98 -6.04
C CYS B 441 9.28 -22.05 -5.94
N MET B 442 9.58 -23.29 -6.33
CA MET B 442 8.61 -24.37 -6.13
C MET B 442 8.31 -24.55 -4.64
N ALA B 443 9.34 -24.55 -3.80
CA ALA B 443 9.14 -24.65 -2.36
C ALA B 443 8.39 -23.43 -1.83
N LEU B 444 8.69 -22.24 -2.35
CA LEU B 444 8.00 -21.04 -1.92
C LEU B 444 6.51 -21.09 -2.26
N VAL B 445 6.17 -21.50 -3.49
CA VAL B 445 4.77 -21.62 -3.88
C VAL B 445 4.07 -22.67 -3.04
N GLU B 446 4.71 -23.82 -2.80
CA GLU B 446 4.09 -24.83 -1.96
C GLU B 446 3.86 -24.32 -0.54
N CYS B 447 4.84 -23.63 0.03
CA CYS B 447 4.71 -23.10 1.39
C CYS B 447 3.56 -22.12 1.48
N VAL B 448 3.51 -21.15 0.57
CA VAL B 448 2.47 -20.13 0.63
C VAL B 448 1.09 -20.73 0.35
N ALA B 449 1.00 -21.64 -0.62
CA ALA B 449 -0.28 -22.27 -0.95
C ALA B 449 -0.79 -23.11 0.21
N PHE B 450 0.08 -23.88 0.85
CA PHE B 450 -0.34 -24.68 2.00
C PHE B 450 -0.72 -23.80 3.19
N LEU B 451 0.02 -22.72 3.42
CA LEU B 451 -0.32 -21.80 4.50
C LEU B 451 -1.67 -21.13 4.25
N TRP B 452 -1.98 -20.81 3.00
CA TRP B 452 -3.27 -20.21 2.68
C TRP B 452 -4.40 -21.21 2.77
N ALA B 453 -4.21 -22.42 2.21
CA ALA B 453 -5.26 -23.42 2.20
C ALA B 453 -5.60 -23.91 3.61
N SER B 454 -4.58 -24.17 4.43
CA SER B 454 -4.82 -24.68 5.77
C SER B 454 -5.33 -23.60 6.71
N GLU B 455 -5.05 -22.33 6.41
CA GLU B 455 -5.35 -21.21 7.31
C GLU B 455 -4.73 -21.42 8.69
N ALA B 456 -3.46 -21.85 8.69
CA ALA B 456 -2.71 -21.93 9.94
C ALA B 456 -2.53 -20.56 10.57
N ILE B 457 -2.30 -19.55 9.74
CA ILE B 457 -2.25 -18.16 10.19
C ILE B 457 -3.20 -17.37 9.30
N PRO B 458 -3.62 -16.18 9.73
CA PRO B 458 -4.58 -15.40 8.93
C PRO B 458 -4.06 -15.13 7.52
N LEU B 459 -4.99 -15.14 6.56
CA LEU B 459 -4.61 -15.12 5.16
C LEU B 459 -3.83 -13.86 4.79
N HIS B 460 -4.21 -12.72 5.35
CA HIS B 460 -3.48 -11.48 5.09
C HIS B 460 -2.10 -11.47 5.74
N ILE B 461 -1.83 -12.36 6.69
CA ILE B 461 -0.51 -12.41 7.29
C ILE B 461 0.45 -13.25 6.46
N THR B 462 -0.03 -14.32 5.83
CA THR B 462 0.75 -14.99 4.80
C THR B 462 1.05 -14.06 3.62
N ALA B 463 0.13 -13.15 3.31
CA ALA B 463 0.38 -12.14 2.29
C ALA B 463 1.52 -11.20 2.68
N PHE B 464 1.56 -10.79 3.95
CA PHE B 464 2.73 -10.05 4.47
C PHE B 464 3.99 -10.88 4.45
N LEU B 465 3.87 -12.19 4.66
CA LEU B 465 5.03 -13.07 4.73
C LEU B 465 5.62 -13.36 3.35
N VAL B 466 4.82 -13.28 2.29
CA VAL B 466 5.28 -13.59 0.94
C VAL B 466 6.50 -12.77 0.53
N PRO B 467 6.50 -11.43 0.65
CA PRO B 467 7.71 -10.69 0.24
C PRO B 467 8.97 -11.05 1.02
N LEU B 468 8.83 -11.37 2.31
CA LEU B 468 9.98 -11.78 3.09
C LEU B 468 10.60 -13.06 2.55
N LEU B 469 9.77 -14.05 2.22
CA LEU B 469 10.25 -15.30 1.68
C LEU B 469 10.75 -15.16 0.25
N VAL B 470 10.21 -14.20 -0.51
CA VAL B 470 10.72 -13.95 -1.86
C VAL B 470 12.16 -13.46 -1.79
N VAL B 471 12.54 -12.77 -0.72
CA VAL B 471 13.91 -12.34 -0.53
C VAL B 471 14.77 -13.43 0.11
N LEU B 472 14.22 -14.14 1.11
CA LEU B 472 14.96 -15.22 1.73
C LEU B 472 15.19 -16.38 0.76
N PHE B 473 14.14 -16.84 0.11
CA PHE B 473 14.29 -17.74 -1.04
C PHE B 473 14.69 -16.89 -2.24
N LYS B 474 15.95 -16.96 -2.64
CA LYS B 474 16.49 -16.08 -3.67
C LYS B 474 15.94 -16.53 -5.03
N VAL B 475 14.71 -16.12 -5.31
CA VAL B 475 13.98 -16.62 -6.48
C VAL B 475 13.92 -15.59 -7.59
N LEU B 476 14.00 -14.30 -7.24
CA LEU B 476 13.93 -13.25 -8.25
C LEU B 476 15.23 -13.20 -9.04
N LYS B 477 15.12 -12.94 -10.33
CA LYS B 477 16.25 -12.86 -11.24
C LYS B 477 16.24 -11.54 -11.98
N THR B 478 17.41 -11.13 -12.45
CA THR B 478 17.52 -9.95 -13.30
C THR B 478 17.20 -10.30 -14.74
N SER B 479 17.22 -9.28 -15.60
CA SER B 479 16.90 -9.48 -17.01
C SER B 479 17.89 -10.43 -17.68
N ASP B 480 19.15 -10.41 -17.23
CA ASP B 480 20.15 -11.32 -17.78
C ASP B 480 19.98 -12.74 -17.26
N GLY B 481 19.12 -12.96 -16.28
CA GLY B 481 18.90 -14.28 -15.72
C GLY B 481 19.75 -14.62 -14.51
N ALA B 482 20.39 -13.64 -13.88
CA ALA B 482 21.19 -13.87 -12.69
C ALA B 482 20.38 -13.54 -11.45
N ILE B 483 20.72 -14.21 -10.34
CA ILE B 483 19.98 -14.01 -9.10
C ILE B 483 20.22 -12.60 -8.58
N MET B 484 19.13 -11.91 -8.26
CA MET B 484 19.20 -10.57 -7.70
C MET B 484 19.84 -10.59 -6.32
N SER B 485 20.59 -9.53 -6.02
CA SER B 485 21.03 -9.32 -4.65
C SER B 485 19.82 -9.05 -3.76
N ALA B 486 19.94 -9.39 -2.49
CA ALA B 486 18.80 -9.27 -1.58
C ALA B 486 18.24 -7.87 -1.53
N ALA B 487 19.09 -6.84 -1.62
CA ALA B 487 18.60 -5.46 -1.62
C ALA B 487 17.79 -5.17 -2.88
N SER B 488 18.32 -5.55 -4.05
CA SER B 488 17.59 -5.37 -5.30
C SER B 488 16.29 -6.16 -5.29
N ALA B 489 16.33 -7.42 -4.81
CA ALA B 489 15.13 -8.24 -4.75
C ALA B 489 14.09 -7.63 -3.83
N SER B 490 14.50 -7.09 -2.68
CA SER B 490 13.57 -6.42 -1.78
C SER B 490 12.94 -5.19 -2.41
N SER B 491 13.76 -4.34 -3.04
CA SER B 491 13.23 -3.14 -3.68
C SER B 491 12.30 -3.48 -4.84
N GLU B 492 12.56 -4.58 -5.53
CA GLU B 492 11.73 -4.99 -6.66
C GLU B 492 10.45 -5.70 -6.23
N ILE B 493 10.47 -6.44 -5.13
CA ILE B 493 9.28 -7.12 -4.66
C ILE B 493 8.34 -6.21 -3.88
N LEU B 494 8.86 -5.21 -3.17
CA LEU B 494 7.97 -4.26 -2.51
C LEU B 494 7.35 -3.27 -3.50
N ALA B 495 7.97 -3.07 -4.66
CA ALA B 495 7.41 -2.17 -5.66
C ALA B 495 6.21 -2.80 -6.36
N ALA B 496 6.12 -4.12 -6.36
CA ALA B 496 5.06 -4.82 -7.08
C ALA B 496 3.76 -4.94 -6.29
N MET B 497 3.75 -4.58 -5.01
CA MET B 497 2.53 -4.74 -4.21
C MET B 497 1.47 -3.71 -4.56
N TRP B 498 1.85 -2.42 -4.54
CA TRP B 498 0.93 -1.37 -4.94
C TRP B 498 0.87 -1.30 -6.45
N SER B 499 -0.34 -1.46 -7.00
CA SER B 499 -0.53 -1.51 -8.44
C SER B 499 -1.83 -0.79 -8.80
N SER B 500 -2.19 -0.87 -10.08
CA SER B 500 -3.41 -0.25 -10.56
C SER B 500 -4.64 -0.87 -9.94
N THR B 501 -4.65 -2.20 -9.79
CA THR B 501 -5.80 -2.91 -9.23
C THR B 501 -6.00 -2.63 -7.74
N ILE B 502 -4.93 -2.32 -7.01
CA ILE B 502 -5.10 -1.86 -5.63
C ILE B 502 -5.89 -0.57 -5.61
N MET B 503 -5.57 0.36 -6.51
CA MET B 503 -6.32 1.60 -6.63
C MET B 503 -7.76 1.36 -7.05
N ILE B 504 -7.99 0.41 -7.97
CA ILE B 504 -9.36 0.08 -8.36
C ILE B 504 -10.14 -0.47 -7.19
N LEU B 505 -9.53 -1.34 -6.37
CA LEU B 505 -10.19 -1.87 -5.19
C LEU B 505 -10.49 -0.79 -4.17
N LEU B 506 -9.57 0.15 -3.97
CA LEU B 506 -9.83 1.26 -3.05
C LEU B 506 -10.97 2.13 -3.56
N ALA B 507 -11.02 2.38 -4.86
CA ALA B 507 -12.13 3.13 -5.44
C ALA B 507 -13.45 2.38 -5.29
N GLY B 508 -13.42 1.04 -5.42
CA GLY B 508 -14.62 0.27 -5.18
C GLY B 508 -15.09 0.37 -3.75
N PHE B 509 -14.16 0.33 -2.79
CA PHE B 509 -14.51 0.58 -1.39
C PHE B 509 -15.15 1.96 -1.22
N THR B 510 -14.55 2.98 -1.82
CA THR B 510 -15.09 4.34 -1.72
C THR B 510 -16.51 4.42 -2.28
N LEU B 511 -16.71 3.86 -3.48
CA LEU B 511 -18.03 3.89 -4.09
C LEU B 511 -19.07 3.11 -3.28
N GLY B 512 -18.72 1.92 -2.78
CA GLY B 512 -19.64 1.19 -1.95
C GLY B 512 -20.03 1.93 -0.68
N GLU B 513 -19.05 2.50 0.02
CA GLU B 513 -19.35 3.25 1.23
C GLU B 513 -20.18 4.50 0.94
N VAL B 514 -19.87 5.23 -0.14
CA VAL B 514 -20.63 6.44 -0.43
C VAL B 514 -22.04 6.11 -0.91
N LEU B 515 -22.24 4.97 -1.58
CA LEU B 515 -23.58 4.61 -2.01
C LEU B 515 -24.42 4.07 -0.84
N ALA B 516 -23.82 3.31 0.07
CA ALA B 516 -24.55 2.80 1.21
C ALA B 516 -24.84 3.88 2.24
N GLN B 517 -23.91 4.82 2.44
CA GLN B 517 -24.08 5.82 3.48
C GLN B 517 -25.17 6.82 3.14
N TYR B 518 -25.35 7.14 1.86
CA TYR B 518 -26.30 8.15 1.43
C TYR B 518 -27.57 7.56 0.82
N ASN B 519 -27.86 6.30 1.10
CA ASN B 519 -29.16 5.68 0.82
C ASN B 519 -29.42 5.50 -0.67
N ILE B 520 -28.41 5.65 -1.52
CA ILE B 520 -28.59 5.31 -2.93
C ILE B 520 -28.69 3.80 -3.12
N ALA B 521 -27.83 3.05 -2.43
CA ALA B 521 -27.82 1.60 -2.58
C ALA B 521 -29.11 0.98 -2.06
N LYS B 522 -29.65 1.50 -0.97
CA LYS B 522 -30.90 0.94 -0.44
C LYS B 522 -32.08 1.25 -1.35
N VAL B 523 -32.00 2.36 -2.10
CA VAL B 523 -33.03 2.65 -3.09
C VAL B 523 -32.89 1.72 -4.29
N LEU B 524 -31.67 1.49 -4.77
CA LEU B 524 -31.48 0.63 -5.92
C LEU B 524 -31.79 -0.84 -5.60
N ALA B 525 -31.54 -1.27 -4.36
CA ALA B 525 -31.80 -2.64 -3.95
C ALA B 525 -33.27 -2.93 -3.75
N SER B 526 -34.11 -1.88 -3.72
CA SER B 526 -35.56 -2.08 -3.68
C SER B 526 -36.17 -2.39 -5.04
N TRP B 527 -35.58 -1.94 -6.13
CA TRP B 527 -36.02 -2.27 -7.48
C TRP B 527 -35.47 -3.61 -7.97
N LEU B 528 -34.22 -3.93 -7.59
CA LEU B 528 -33.66 -5.23 -7.95
C LEU B 528 -34.34 -6.35 -7.20
N LEU B 529 -34.57 -6.18 -5.89
CA LEU B 529 -35.22 -7.20 -5.08
C LEU B 529 -36.72 -7.28 -5.34
N ALA B 530 -37.34 -6.24 -5.87
CA ALA B 530 -38.71 -6.35 -6.34
C ALA B 530 -38.79 -7.23 -7.59
N PHE B 531 -37.84 -7.06 -8.52
CA PHE B 531 -37.81 -7.89 -9.71
C PHE B 531 -37.47 -9.35 -9.36
N ALA B 532 -36.52 -9.54 -8.44
CA ALA B 532 -36.11 -10.90 -8.08
C ALA B 532 -37.26 -11.70 -7.47
N GLY B 533 -38.06 -11.06 -6.61
CA GLY B 533 -39.18 -11.73 -6.00
C GLY B 533 -38.94 -12.12 -4.56
N CYS B 534 -39.62 -13.18 -4.11
CA CYS B 534 -39.51 -13.63 -2.72
C CYS B 534 -38.92 -15.04 -2.62
N LYS B 535 -38.37 -15.55 -3.71
CA LYS B 535 -37.71 -16.86 -3.69
C LYS B 535 -36.22 -16.66 -3.51
N PRO B 536 -35.59 -17.30 -2.52
CA PRO B 536 -34.15 -17.09 -2.29
C PRO B 536 -33.29 -17.43 -3.49
N ARG B 537 -33.65 -18.48 -4.24
CA ARG B 537 -32.86 -18.82 -5.43
C ARG B 537 -32.94 -17.73 -6.49
N ASN B 538 -34.07 -17.05 -6.61
CA ASN B 538 -34.19 -15.94 -7.55
C ASN B 538 -33.40 -14.72 -7.13
N VAL B 539 -33.37 -14.41 -5.82
CA VAL B 539 -32.49 -13.35 -5.34
C VAL B 539 -31.03 -13.70 -5.59
N LEU B 540 -30.65 -14.96 -5.39
CA LEU B 540 -29.31 -15.41 -5.74
C LEU B 540 -29.02 -15.19 -7.22
N LEU B 541 -29.96 -15.60 -8.08
CA LEU B 541 -29.77 -15.43 -9.53
C LEU B 541 -29.60 -13.95 -9.88
N MET B 542 -30.41 -13.09 -9.28
CA MET B 542 -30.27 -11.65 -9.52
C MET B 542 -28.92 -11.13 -9.08
N ALA B 543 -28.43 -11.55 -7.92
CA ALA B 543 -27.13 -11.07 -7.44
C ALA B 543 -25.99 -11.54 -8.34
N MET B 544 -25.98 -12.82 -8.72
CA MET B 544 -24.95 -13.29 -9.66
C MET B 544 -25.06 -12.59 -11.00
N CYS B 545 -26.27 -12.35 -11.52
CA CYS B 545 -26.41 -11.65 -12.79
C CYS B 545 -25.88 -10.22 -12.70
N VAL B 546 -26.18 -9.53 -11.60
CA VAL B 546 -25.71 -8.15 -11.43
C VAL B 546 -24.19 -8.11 -11.39
N VAL B 547 -23.57 -8.98 -10.59
CA VAL B 547 -22.11 -8.94 -10.48
C VAL B 547 -21.46 -9.38 -11.78
N PHE B 548 -22.07 -10.33 -12.49
CA PHE B 548 -21.55 -10.77 -13.78
C PHE B 548 -21.58 -9.64 -14.80
N PHE B 549 -22.71 -8.93 -14.87
CA PHE B 549 -22.83 -7.81 -15.80
C PHE B 549 -21.87 -6.69 -15.44
N LEU B 550 -21.69 -6.42 -14.15
CA LEU B 550 -20.72 -5.41 -13.73
C LEU B 550 -19.31 -5.81 -14.11
N SER B 551 -18.94 -7.07 -13.89
CA SER B 551 -17.61 -7.54 -14.24
C SER B 551 -17.38 -7.58 -15.74
N MET B 552 -18.45 -7.66 -16.54
CA MET B 552 -18.29 -7.64 -17.99
C MET B 552 -17.65 -6.34 -18.46
N TRP B 553 -17.94 -5.21 -17.82
CA TRP B 553 -17.51 -3.91 -18.31
C TRP B 553 -16.42 -3.26 -17.49
N ILE B 554 -16.48 -3.36 -16.16
CA ILE B 554 -15.50 -2.70 -15.31
C ILE B 554 -14.53 -3.67 -14.66
N SER B 555 -14.61 -4.97 -14.99
CA SER B 555 -13.76 -6.04 -14.46
C SER B 555 -14.20 -6.43 -13.06
N ASN B 556 -13.64 -7.52 -12.54
CA ASN B 556 -14.06 -8.08 -11.27
C ASN B 556 -13.21 -7.62 -10.09
N VAL B 557 -12.40 -6.57 -10.27
CA VAL B 557 -11.67 -6.01 -9.14
C VAL B 557 -12.63 -5.26 -8.21
N ALA B 558 -13.49 -4.41 -8.80
CA ALA B 558 -14.40 -3.59 -8.01
C ALA B 558 -15.86 -4.02 -8.10
N ALA B 559 -16.22 -4.84 -9.10
CA ALA B 559 -17.60 -5.29 -9.24
C ALA B 559 -18.14 -6.06 -8.04
N PRO B 560 -17.39 -7.01 -7.45
CA PRO B 560 -17.91 -7.65 -6.22
C PRO B 560 -18.18 -6.69 -5.08
N VAL B 561 -17.34 -5.67 -4.90
CA VAL B 561 -17.55 -4.71 -3.83
C VAL B 561 -18.83 -3.92 -4.07
N LEU B 562 -19.04 -3.47 -5.31
CA LEU B 562 -20.27 -2.74 -5.62
C LEU B 562 -21.50 -3.61 -5.44
N THR B 563 -21.44 -4.87 -5.87
CA THR B 563 -22.58 -5.77 -5.69
C THR B 563 -22.85 -6.04 -4.22
N TYR B 564 -21.82 -6.21 -3.41
CA TYR B 564 -22.02 -6.37 -1.97
C TYR B 564 -22.61 -5.12 -1.34
N SER B 565 -22.23 -3.94 -1.84
CA SER B 565 -22.84 -2.70 -1.37
C SER B 565 -24.32 -2.65 -1.73
N LEU B 566 -24.68 -3.07 -2.95
CA LEU B 566 -26.09 -3.12 -3.33
C LEU B 566 -26.85 -4.17 -2.51
N LEU B 567 -26.19 -5.25 -2.11
CA LEU B 567 -26.82 -6.30 -1.33
C LEU B 567 -26.86 -5.99 0.16
N SER B 568 -26.33 -4.84 0.58
CA SER B 568 -26.32 -4.50 2.01
C SER B 568 -27.71 -4.49 2.64
N PRO B 569 -28.77 -3.97 2.01
CA PRO B 569 -30.10 -4.03 2.66
C PRO B 569 -30.56 -5.44 2.99
N LEU B 570 -30.08 -6.45 2.28
CA LEU B 570 -30.42 -7.84 2.55
C LEU B 570 -29.37 -8.55 3.40
N LEU B 571 -28.09 -8.30 3.13
CA LEU B 571 -27.03 -9.02 3.84
C LEU B 571 -26.85 -8.48 5.26
N ASP B 572 -27.25 -7.23 5.51
CA ASP B 572 -26.98 -6.61 6.81
C ASP B 572 -27.69 -7.34 7.94
N ALA B 573 -28.95 -7.72 7.72
CA ALA B 573 -29.77 -8.35 8.74
C ALA B 573 -29.64 -9.87 8.72
N MET B 574 -28.59 -10.40 8.08
CA MET B 574 -28.38 -11.83 7.98
C MET B 574 -27.14 -12.23 8.77
N ASP B 575 -27.29 -13.23 9.63
CA ASP B 575 -26.19 -13.70 10.45
C ASP B 575 -25.24 -14.58 9.63
N ALA B 576 -24.02 -14.72 10.15
CA ALA B 576 -22.95 -15.39 9.42
C ALA B 576 -23.18 -16.89 9.24
N ASP B 577 -24.03 -17.51 10.05
CA ASP B 577 -24.32 -18.93 9.91
C ASP B 577 -25.55 -19.20 9.07
N SER B 578 -26.15 -18.16 8.49
CA SER B 578 -27.31 -18.34 7.62
C SER B 578 -26.87 -18.98 6.32
N PRO B 579 -27.50 -20.10 5.91
CA PRO B 579 -27.13 -20.69 4.61
C PRO B 579 -27.34 -19.76 3.43
N PHE B 580 -28.39 -18.95 3.46
CA PHE B 580 -28.67 -18.05 2.34
C PHE B 580 -27.64 -16.93 2.24
N ALA B 581 -27.19 -16.39 3.37
CA ALA B 581 -26.17 -15.36 3.32
C ALA B 581 -24.84 -15.90 2.79
N GLN B 582 -24.46 -17.10 3.24
CA GLN B 582 -23.26 -17.74 2.72
C GLN B 582 -23.39 -18.00 1.23
N ALA B 583 -24.57 -18.46 0.79
CA ALA B 583 -24.80 -18.69 -0.63
C ALA B 583 -24.70 -17.39 -1.42
N LEU B 584 -25.25 -16.29 -0.90
CA LEU B 584 -25.15 -15.01 -1.59
C LEU B 584 -23.70 -14.53 -1.72
N VAL B 585 -22.93 -14.60 -0.64
CA VAL B 585 -21.55 -14.13 -0.69
C VAL B 585 -20.72 -15.00 -1.65
N LEU B 586 -20.83 -16.32 -1.50
CA LEU B 586 -20.09 -17.22 -2.39
C LEU B 586 -20.56 -17.07 -3.83
N GLY B 587 -21.85 -16.85 -4.05
CA GLY B 587 -22.34 -16.71 -5.41
C GLY B 587 -21.87 -15.44 -6.08
N VAL B 588 -21.82 -14.34 -5.33
CA VAL B 588 -21.25 -13.11 -5.92
C VAL B 588 -19.78 -13.32 -6.24
N ALA B 589 -19.02 -13.98 -5.35
CA ALA B 589 -17.63 -14.26 -5.64
C ALA B 589 -17.46 -15.09 -6.91
N LEU B 590 -18.19 -16.20 -7.00
CA LEU B 590 -18.07 -17.12 -8.12
C LEU B 590 -18.57 -16.50 -9.43
N ALA B 591 -19.65 -15.73 -9.39
CA ALA B 591 -20.14 -15.07 -10.58
C ALA B 591 -19.24 -13.94 -11.04
N ALA B 592 -18.58 -13.23 -10.13
CA ALA B 592 -17.54 -12.30 -10.55
C ALA B 592 -16.37 -13.03 -11.21
N ASN B 593 -15.98 -14.18 -10.65
CA ASN B 593 -14.92 -14.98 -11.26
C ASN B 593 -15.31 -15.40 -12.68
N ILE B 594 -16.56 -15.84 -12.88
CA ILE B 594 -17.00 -16.23 -14.21
C ILE B 594 -17.13 -15.03 -15.13
N GLY B 595 -17.63 -13.91 -14.62
CA GLY B 595 -17.80 -12.73 -15.46
C GLY B 595 -16.49 -12.10 -15.88
N GLY B 596 -15.42 -12.40 -15.16
CA GLY B 596 -14.11 -11.91 -15.54
C GLY B 596 -13.55 -12.47 -16.83
N MET B 597 -14.32 -13.30 -17.54
CA MET B 597 -13.87 -13.91 -18.78
C MET B 597 -14.76 -13.62 -19.98
N SER B 598 -15.84 -12.85 -19.80
CA SER B 598 -16.84 -12.71 -20.85
C SER B 598 -16.47 -11.66 -21.90
N SER B 599 -16.33 -10.41 -21.49
CA SER B 599 -16.11 -9.35 -22.46
C SER B 599 -14.62 -9.20 -22.76
N PRO B 600 -14.28 -8.56 -23.88
CA PRO B 600 -12.85 -8.36 -24.23
C PRO B 600 -12.12 -7.42 -23.28
N ILE B 601 -12.84 -6.80 -22.35
CA ILE B 601 -12.24 -5.84 -21.43
C ILE B 601 -12.57 -6.21 -20.00
N SER B 602 -12.97 -7.46 -19.78
CA SER B 602 -13.39 -7.90 -18.46
C SER B 602 -12.24 -8.26 -17.53
N SER B 603 -11.04 -8.48 -18.06
CA SER B 603 -9.89 -8.84 -17.25
C SER B 603 -8.63 -8.54 -18.03
N PRO B 604 -7.50 -8.36 -17.34
CA PRO B 604 -6.24 -8.11 -18.07
C PRO B 604 -5.86 -9.23 -19.02
N GLN B 605 -6.15 -10.48 -18.67
CA GLN B 605 -5.88 -11.61 -19.54
C GLN B 605 -6.83 -11.69 -20.73
N ASN B 606 -7.89 -10.89 -20.75
CA ASN B 606 -8.71 -10.76 -21.95
C ASN B 606 -8.19 -9.70 -22.90
N ILE B 607 -7.74 -8.55 -22.37
CA ILE B 607 -7.13 -7.54 -23.21
C ILE B 607 -5.84 -8.07 -23.82
N ILE B 608 -5.01 -8.71 -23.01
CA ILE B 608 -3.77 -9.29 -23.50
C ILE B 608 -4.05 -10.33 -24.59
N SER B 609 -5.06 -11.17 -24.36
CA SER B 609 -5.40 -12.19 -25.35
C SER B 609 -5.93 -11.56 -26.64
N MET B 610 -6.75 -10.51 -26.54
CA MET B 610 -7.22 -9.83 -27.73
C MET B 610 -6.06 -9.23 -28.51
N SER B 611 -5.01 -8.80 -27.81
CA SER B 611 -3.82 -8.30 -28.50
C SER B 611 -3.24 -9.34 -29.45
N TYR B 612 -3.15 -10.60 -29.02
CA TYR B 612 -2.71 -11.67 -29.90
C TYR B 612 -3.77 -12.12 -30.89
N LEU B 613 -5.05 -11.98 -30.54
CA LEU B 613 -6.12 -12.53 -31.36
C LEU B 613 -6.44 -11.64 -32.54
N LYS B 614 -6.17 -10.34 -32.43
CA LYS B 614 -6.54 -9.37 -33.46
C LYS B 614 -6.01 -9.73 -34.85
N PRO B 615 -4.73 -10.14 -35.01
CA PRO B 615 -4.26 -10.48 -36.37
C PRO B 615 -4.98 -11.65 -37.01
N TYR B 616 -5.67 -12.47 -36.22
CA TYR B 616 -6.43 -13.59 -36.75
C TYR B 616 -7.84 -13.19 -37.19
N GLY B 617 -8.17 -11.90 -37.11
CA GLY B 617 -9.47 -11.43 -37.53
C GLY B 617 -10.56 -11.47 -36.49
N ILE B 618 -10.25 -11.91 -35.28
CA ILE B 618 -11.24 -11.98 -34.21
C ILE B 618 -11.48 -10.59 -33.66
N GLY B 619 -12.75 -10.19 -33.60
CA GLY B 619 -13.11 -8.88 -33.09
C GLY B 619 -13.99 -8.96 -31.86
N TRP B 620 -14.63 -7.84 -31.50
CA TRP B 620 -15.51 -7.83 -30.34
C TRP B 620 -16.70 -8.76 -30.50
N GLY B 621 -17.33 -8.78 -31.67
CA GLY B 621 -18.46 -9.64 -31.91
C GLY B 621 -18.13 -11.13 -31.85
N GLN B 622 -17.03 -11.50 -32.50
CA GLN B 622 -16.57 -12.89 -32.43
C GLN B 622 -16.17 -13.30 -31.03
N PHE B 623 -15.51 -12.41 -30.28
CA PHE B 623 -15.18 -12.70 -28.89
C PHE B 623 -16.44 -12.89 -28.05
N PHE B 624 -17.42 -12.01 -28.21
CA PHE B 624 -18.65 -12.13 -27.45
C PHE B 624 -19.42 -13.40 -27.78
N ALA B 625 -19.55 -13.74 -29.06
CA ALA B 625 -20.34 -14.90 -29.45
C ALA B 625 -19.82 -16.18 -28.80
N VAL B 626 -18.53 -16.22 -28.49
CA VAL B 626 -17.92 -17.39 -27.87
C VAL B 626 -17.91 -17.30 -26.35
N ALA B 627 -17.56 -16.13 -25.81
CA ALA B 627 -17.30 -16.00 -24.39
C ALA B 627 -18.53 -15.69 -23.55
N LEU B 628 -19.58 -15.10 -24.15
CA LEU B 628 -20.75 -14.75 -23.38
C LEU B 628 -21.65 -15.96 -23.13
N PRO B 629 -21.97 -16.78 -24.16
CA PRO B 629 -22.72 -18.01 -23.86
C PRO B 629 -22.01 -18.93 -22.90
N SER B 630 -20.68 -19.06 -23.02
CA SER B 630 -19.94 -19.91 -22.09
C SER B 630 -20.04 -19.40 -20.67
N GLY B 631 -19.87 -18.10 -20.47
CA GLY B 631 -19.97 -17.50 -19.15
C GLY B 631 -21.37 -17.59 -18.57
N ILE B 632 -22.39 -17.38 -19.41
CA ILE B 632 -23.77 -17.48 -18.95
C ILE B 632 -24.10 -18.90 -18.52
N LEU B 633 -23.72 -19.89 -19.33
CA LEU B 633 -23.99 -21.28 -18.96
C LEU B 633 -23.21 -21.68 -17.72
N ALA B 634 -21.95 -21.27 -17.61
CA ALA B 634 -21.17 -21.57 -16.41
C ALA B 634 -21.78 -20.94 -15.17
N MET B 635 -22.23 -19.69 -15.28
CA MET B 635 -22.88 -19.00 -14.18
C MET B 635 -24.20 -19.65 -13.78
N LEU B 636 -25.01 -20.07 -14.74
CA LEU B 636 -26.23 -20.81 -14.44
C LEU B 636 -25.98 -22.14 -13.77
N LEU B 637 -25.00 -22.91 -14.24
CA LEU B 637 -24.63 -24.15 -13.58
C LEU B 637 -24.10 -23.94 -12.18
N VAL B 638 -23.28 -22.90 -11.97
CA VAL B 638 -22.81 -22.58 -10.63
C VAL B 638 -23.96 -22.13 -9.74
N TRP B 639 -24.94 -21.42 -10.29
CA TRP B 639 -26.11 -21.02 -9.51
C TRP B 639 -26.94 -22.24 -9.08
N ILE B 640 -27.08 -23.21 -9.99
CA ILE B 640 -27.75 -24.46 -9.61
C ILE B 640 -26.96 -25.17 -8.52
N LEU B 641 -25.64 -25.25 -8.66
CA LEU B 641 -24.81 -25.83 -7.61
C LEU B 641 -25.01 -25.13 -6.28
N LEU B 642 -25.07 -23.80 -6.29
CA LEU B 642 -25.24 -23.03 -5.07
C LEU B 642 -26.59 -23.22 -4.41
N PHE B 643 -27.68 -23.21 -5.16
CA PHE B 643 -28.97 -23.40 -4.49
C PHE B 643 -29.31 -24.87 -4.27
N THR B 644 -28.49 -25.79 -4.76
CA THR B 644 -28.62 -27.20 -4.41
C THR B 644 -27.79 -27.60 -3.20
N THR B 645 -26.55 -27.13 -3.10
CA THR B 645 -25.66 -27.53 -2.01
C THR B 645 -25.87 -26.73 -0.74
N PHE B 646 -26.64 -25.65 -0.77
CA PHE B 646 -26.94 -24.86 0.40
C PHE B 646 -28.41 -24.99 0.77
N LYS B 647 -28.68 -25.08 2.08
CA LYS B 647 -30.05 -25.20 2.56
C LYS B 647 -30.72 -23.84 2.64
N MET B 648 -30.66 -23.12 1.52
CA MET B 648 -31.17 -21.77 1.39
C MET B 648 -32.58 -21.69 0.83
N ASN B 649 -33.12 -22.80 0.32
CA ASN B 649 -34.40 -22.73 -0.38
C ASN B 649 -35.58 -22.56 0.57
N LYS B 650 -35.46 -23.00 1.82
CA LYS B 650 -36.51 -22.83 2.82
C LYS B 650 -36.14 -21.62 3.66
N THR B 651 -36.43 -20.44 3.15
CA THR B 651 -36.14 -19.19 3.83
C THR B 651 -37.28 -18.22 3.56
N LYS B 652 -37.49 -17.30 4.50
CA LYS B 652 -38.50 -16.26 4.36
C LYS B 652 -37.80 -14.93 4.10
N LEU B 653 -38.13 -14.29 2.98
CA LEU B 653 -37.53 -13.03 2.61
C LEU B 653 -38.53 -11.90 2.74
N GLU B 654 -38.04 -10.75 3.22
CA GLU B 654 -38.89 -9.58 3.36
C GLU B 654 -39.42 -9.13 2.01
N LYS B 655 -40.72 -8.85 1.96
CA LYS B 655 -41.30 -8.29 0.74
C LYS B 655 -40.73 -6.89 0.49
N PHE B 656 -40.11 -6.72 -0.67
CA PHE B 656 -39.43 -5.48 -1.01
C PHE B 656 -40.26 -4.70 -2.01
N LYS B 657 -40.83 -3.60 -1.57
CA LYS B 657 -41.50 -2.64 -2.44
C LYS B 657 -40.50 -1.60 -2.92
N PRO B 658 -40.53 -1.25 -4.20
CA PRO B 658 -39.58 -0.27 -4.73
C PRO B 658 -39.71 1.08 -4.01
N ILE B 659 -38.56 1.66 -3.68
CA ILE B 659 -38.52 2.98 -3.07
C ILE B 659 -38.56 4.03 -4.18
N LYS B 660 -39.60 4.87 -4.15
CA LYS B 660 -39.85 5.82 -5.23
C LYS B 660 -39.62 7.27 -4.79
N THR B 661 -38.73 7.47 -3.83
CA THR B 661 -38.37 8.83 -3.43
C THR B 661 -37.52 9.49 -4.50
N LYS B 662 -37.49 10.82 -4.47
CA LYS B 662 -36.73 11.62 -5.42
C LYS B 662 -35.36 11.95 -4.83
N PHE B 663 -34.32 11.76 -5.63
CA PHE B 663 -32.97 12.02 -5.19
C PHE B 663 -32.76 13.53 -5.00
N THR B 664 -31.78 13.87 -4.19
CA THR B 664 -31.41 15.25 -3.93
C THR B 664 -30.18 15.63 -4.74
N VAL B 665 -29.79 16.90 -4.63
CA VAL B 665 -28.64 17.40 -5.38
C VAL B 665 -27.37 16.70 -4.94
N LYS B 666 -27.21 16.44 -3.64
CA LYS B 666 -26.06 15.68 -3.16
C LYS B 666 -26.10 14.24 -3.66
N GLN B 667 -27.26 13.60 -3.60
CA GLN B 667 -27.39 12.25 -4.13
C GLN B 667 -27.19 12.22 -5.63
N TYR B 668 -27.68 13.23 -6.35
CA TYR B 668 -27.44 13.31 -7.78
C TYR B 668 -25.96 13.50 -8.11
N TYR B 669 -25.25 14.28 -7.30
CA TYR B 669 -23.81 14.42 -7.49
C TYR B 669 -23.09 13.10 -7.26
N ILE B 670 -23.48 12.36 -6.22
CA ILE B 670 -22.86 11.06 -5.97
C ILE B 670 -23.15 10.10 -7.12
N ILE B 671 -24.39 10.08 -7.60
CA ILE B 671 -24.76 9.21 -8.72
C ILE B 671 -23.99 9.58 -9.98
N THR B 672 -23.86 10.88 -10.25
CA THR B 672 -23.13 11.33 -11.44
C THR B 672 -21.67 10.92 -11.36
N VAL B 673 -21.04 11.10 -10.20
CA VAL B 673 -19.63 10.72 -10.07
C VAL B 673 -19.46 9.22 -10.23
N THR B 674 -20.36 8.43 -9.61
CA THR B 674 -20.27 6.98 -9.75
C THR B 674 -20.44 6.53 -11.19
N VAL B 675 -21.43 7.10 -11.89
CA VAL B 675 -21.69 6.71 -13.27
C VAL B 675 -20.52 7.14 -14.17
N ALA B 676 -19.98 8.33 -13.95
CA ALA B 676 -18.82 8.77 -14.71
C ALA B 676 -17.61 7.89 -14.48
N THR B 677 -17.36 7.49 -13.24
CA THR B 677 -16.24 6.59 -12.96
C THR B 677 -16.43 5.25 -13.65
N ILE B 678 -17.65 4.70 -13.60
CA ILE B 678 -17.93 3.44 -14.28
C ILE B 678 -17.72 3.59 -15.78
N LEU B 679 -18.22 4.68 -16.37
CA LEU B 679 -18.08 4.89 -17.80
C LEU B 679 -16.64 5.07 -18.23
N LEU B 680 -15.84 5.79 -17.43
CA LEU B 680 -14.42 5.92 -17.71
C LEU B 680 -13.67 4.61 -17.55
N TRP B 681 -14.11 3.74 -16.65
CA TRP B 681 -13.57 2.38 -16.58
C TRP B 681 -13.95 1.54 -17.79
N CYS B 682 -15.12 1.79 -18.39
CA CYS B 682 -15.54 1.06 -19.57
C CYS B 682 -14.79 1.48 -20.83
N VAL B 683 -14.37 2.74 -20.93
CA VAL B 683 -13.72 3.25 -22.13
C VAL B 683 -12.26 3.53 -21.84
N GLU B 684 -11.67 2.78 -20.92
CA GLU B 684 -10.30 3.02 -20.50
C GLU B 684 -9.29 2.95 -21.64
N SER B 685 -9.51 2.07 -22.61
CA SER B 685 -8.57 1.92 -23.71
C SER B 685 -8.56 3.12 -24.66
N GLN B 686 -9.62 3.91 -24.67
CA GLN B 686 -9.70 5.10 -25.52
C GLN B 686 -9.24 6.36 -24.80
N ILE B 687 -8.93 6.28 -23.51
CA ILE B 687 -8.48 7.43 -22.74
C ILE B 687 -7.19 7.06 -22.02
N GLU B 688 -6.56 5.96 -22.44
CA GLU B 688 -5.32 5.51 -21.84
C GLU B 688 -4.13 6.40 -22.18
N GLY B 689 -4.20 7.15 -23.28
CA GLY B 689 -3.14 8.08 -23.60
C GLY B 689 -3.03 9.24 -22.63
N ALA B 690 -4.07 9.49 -21.84
CA ALA B 690 -4.05 10.54 -20.82
C ALA B 690 -3.93 9.95 -19.42
N PHE B 691 -4.73 8.94 -19.10
CA PHE B 691 -4.75 8.39 -17.75
C PHE B 691 -3.79 7.23 -17.55
N GLY B 692 -3.58 6.40 -18.57
CA GLY B 692 -2.61 5.34 -18.47
C GLY B 692 -3.14 4.03 -17.93
N SER B 693 -3.98 4.09 -16.91
CA SER B 693 -4.55 2.87 -16.33
C SER B 693 -5.90 3.21 -15.69
N SER B 694 -6.64 2.16 -15.36
CA SER B 694 -7.86 2.30 -14.59
C SER B 694 -7.60 2.65 -13.13
N GLY B 695 -6.39 2.40 -12.63
CA GLY B 695 -6.05 2.83 -11.29
C GLY B 695 -5.85 4.31 -11.14
N GLN B 696 -5.52 5.01 -12.23
CA GLN B 696 -5.49 6.47 -12.21
C GLN B 696 -6.91 7.03 -12.23
N ILE B 697 -7.78 6.42 -13.03
CA ILE B 697 -9.20 6.80 -13.03
C ILE B 697 -9.83 6.54 -11.67
N ALA B 698 -9.41 5.48 -10.99
CA ALA B 698 -9.90 5.12 -9.67
C ALA B 698 -9.62 6.19 -8.62
N ILE B 699 -8.65 7.07 -8.84
CA ILE B 699 -8.35 8.12 -7.88
C ILE B 699 -9.43 9.19 -7.88
N ILE B 700 -10.07 9.43 -9.03
CA ILE B 700 -11.03 10.51 -9.19
C ILE B 700 -12.19 10.39 -8.21
N PRO B 701 -12.88 9.23 -8.08
CA PRO B 701 -13.91 9.13 -7.04
C PRO B 701 -13.37 9.32 -5.64
N ILE B 702 -12.16 8.84 -5.36
CA ILE B 702 -11.59 8.97 -4.02
C ILE B 702 -11.41 10.45 -3.67
N VAL B 703 -10.80 11.21 -4.57
CA VAL B 703 -10.60 12.63 -4.33
C VAL B 703 -11.93 13.37 -4.27
N LEU B 704 -12.87 13.02 -5.15
CA LEU B 704 -14.13 13.75 -5.23
C LEU B 704 -15.09 13.41 -4.10
N PHE B 705 -14.88 12.30 -3.38
CA PHE B 705 -15.79 11.95 -2.29
C PHE B 705 -15.15 12.23 -0.94
N PHE B 706 -13.86 11.92 -0.80
CA PHE B 706 -13.15 12.26 0.43
C PHE B 706 -12.76 13.73 0.50
N GLY B 707 -12.42 14.34 -0.63
CA GLY B 707 -12.01 15.74 -0.62
C GLY B 707 -13.15 16.71 -0.45
N THR B 708 -14.37 16.30 -0.80
CA THR B 708 -15.54 17.15 -0.62
C THR B 708 -16.22 16.92 0.72
N GLY B 709 -15.66 16.09 1.59
CA GLY B 709 -16.23 15.87 2.90
C GLY B 709 -17.36 14.90 2.96
N LEU B 710 -17.75 14.29 1.84
CA LEU B 710 -18.81 13.29 1.87
C LEU B 710 -18.38 12.05 2.64
N LEU B 711 -17.09 11.73 2.62
CA LEU B 711 -16.52 10.66 3.41
C LEU B 711 -15.41 11.21 4.28
N SER B 712 -15.33 10.74 5.52
CA SER B 712 -14.41 11.26 6.52
C SER B 712 -13.16 10.39 6.57
N THR B 713 -12.22 10.82 7.43
CA THR B 713 -11.02 10.02 7.67
C THR B 713 -11.35 8.70 8.34
N GLN B 714 -12.31 8.70 9.26
CA GLN B 714 -12.74 7.46 9.89
C GLN B 714 -13.35 6.48 8.90
N ASP B 715 -14.04 6.96 7.87
CA ASP B 715 -14.55 6.09 6.83
C ASP B 715 -13.41 5.42 6.05
N LEU B 716 -12.32 6.15 5.81
CA LEU B 716 -11.17 5.57 5.14
C LEU B 716 -10.40 4.61 6.03
N ASN B 717 -10.32 4.88 7.33
CA ASN B 717 -9.70 3.94 8.26
C ASN B 717 -10.58 2.72 8.51
N ALA B 718 -11.85 2.78 8.13
CA ALA B 718 -12.78 1.66 8.25
C ALA B 718 -12.83 0.82 6.98
N PHE B 719 -11.93 1.07 6.03
CA PHE B 719 -11.87 0.28 4.83
C PHE B 719 -11.33 -1.12 5.14
N PRO B 720 -11.72 -2.12 4.37
CA PRO B 720 -11.18 -3.47 4.58
C PRO B 720 -9.74 -3.59 4.12
N TRP B 721 -8.79 -3.19 4.97
CA TRP B 721 -7.39 -3.17 4.59
C TRP B 721 -6.75 -4.55 4.58
N SER B 722 -7.33 -5.52 5.28
CA SER B 722 -6.85 -6.89 5.18
C SER B 722 -7.06 -7.45 3.78
N ILE B 723 -8.15 -7.07 3.11
CA ILE B 723 -8.35 -7.41 1.71
C ILE B 723 -7.24 -6.83 0.84
N VAL B 724 -6.87 -5.58 1.08
CA VAL B 724 -5.80 -4.95 0.32
C VAL B 724 -4.47 -5.68 0.53
N ILE B 725 -4.17 -6.03 1.78
CA ILE B 725 -2.92 -6.73 2.07
C ILE B 725 -2.91 -8.12 1.42
N LEU B 726 -4.03 -8.83 1.46
CA LEU B 726 -4.12 -10.14 0.82
C LEU B 726 -3.93 -10.03 -0.69
N ALA B 727 -4.54 -9.03 -1.31
CA ALA B 727 -4.36 -8.82 -2.74
C ALA B 727 -2.90 -8.49 -3.07
N MET B 728 -2.26 -7.64 -2.25
CA MET B 728 -0.86 -7.33 -2.46
C MET B 728 0.03 -8.57 -2.35
N GLY B 729 -0.25 -9.44 -1.37
CA GLY B 729 0.47 -10.70 -1.27
C GLY B 729 0.29 -11.62 -2.45
N GLY B 730 -0.93 -11.71 -2.99
CA GLY B 730 -1.15 -12.46 -4.20
C GLY B 730 -0.35 -11.93 -5.38
N ILE B 731 -0.34 -10.60 -5.53
CA ILE B 731 0.43 -9.99 -6.60
C ILE B 731 1.91 -10.26 -6.44
N ALA B 732 2.43 -10.17 -5.21
CA ALA B 732 3.84 -10.44 -4.97
C ALA B 732 4.20 -11.89 -5.29
N LEU B 733 3.33 -12.83 -4.90
CA LEU B 733 3.58 -14.23 -5.23
C LEU B 733 3.59 -14.47 -6.73
N GLY B 734 2.64 -13.86 -7.45
CA GLY B 734 2.64 -13.97 -8.90
C GLY B 734 3.90 -13.40 -9.53
N LYS B 735 4.37 -12.26 -9.02
CA LYS B 735 5.59 -11.66 -9.56
C LYS B 735 6.80 -12.54 -9.29
N ALA B 736 6.86 -13.15 -8.11
CA ALA B 736 7.95 -14.08 -7.81
C ALA B 736 7.94 -15.26 -8.77
N VAL B 737 6.75 -15.83 -9.01
CA VAL B 737 6.62 -16.95 -9.94
C VAL B 737 7.07 -16.54 -11.34
N SER B 738 6.69 -15.33 -11.77
CA SER B 738 7.07 -14.87 -13.11
C SER B 738 8.58 -14.65 -13.22
N SER B 739 9.18 -14.02 -12.20
CA SER B 739 10.59 -13.67 -12.27
C SER B 739 11.49 -14.89 -12.17
N SER B 740 11.11 -15.87 -11.35
CA SER B 740 11.94 -17.06 -11.21
C SER B 740 11.98 -17.87 -12.49
N GLY B 741 10.94 -17.78 -13.30
CA GLY B 741 10.80 -18.63 -14.47
C GLY B 741 10.19 -19.99 -14.20
N LEU B 742 9.57 -20.17 -13.03
CA LEU B 742 9.05 -21.48 -12.65
C LEU B 742 7.89 -21.91 -13.54
N LEU B 743 6.91 -21.03 -13.74
CA LEU B 743 5.76 -21.33 -14.56
C LEU B 743 6.11 -21.55 -16.02
N SER B 744 7.05 -20.79 -16.57
CA SER B 744 7.49 -20.97 -17.94
C SER B 744 8.12 -22.34 -18.17
N THR B 745 8.95 -22.82 -17.24
CA THR B 745 9.52 -24.16 -17.34
C THR B 745 8.47 -25.27 -17.30
N ILE B 746 7.48 -25.17 -16.41
CA ILE B 746 6.40 -26.15 -16.38
C ILE B 746 5.61 -26.11 -17.68
N ALA B 747 5.30 -24.92 -18.17
CA ALA B 747 4.53 -24.74 -19.38
C ALA B 747 5.26 -25.19 -20.63
N LYS B 748 6.59 -25.07 -20.68
CA LYS B 748 7.36 -25.59 -21.79
C LYS B 748 7.66 -27.08 -21.67
N ALA B 749 7.65 -27.63 -20.46
CA ALA B 749 7.69 -29.07 -20.31
C ALA B 749 6.39 -29.73 -20.75
N LEU B 750 5.25 -29.10 -20.44
CA LEU B 750 3.97 -29.57 -20.95
C LEU B 750 3.92 -29.48 -22.47
N GLN B 751 4.43 -28.38 -23.04
CA GLN B 751 4.31 -28.12 -24.46
C GLN B 751 5.08 -29.14 -25.29
N LYS B 752 6.21 -29.63 -24.78
CA LYS B 752 6.98 -30.63 -25.49
C LYS B 752 6.34 -32.01 -25.49
N LYS B 753 5.34 -32.25 -24.65
CA LYS B 753 4.65 -33.53 -24.62
C LYS B 753 3.33 -33.48 -25.40
N ILE B 754 2.51 -32.47 -25.15
CA ILE B 754 1.14 -32.47 -25.67
C ILE B 754 1.11 -31.94 -27.09
N GLU B 755 2.24 -31.45 -27.60
CA GLU B 755 2.28 -31.00 -28.98
C GLU B 755 2.15 -32.19 -29.92
N ASN B 756 1.81 -31.89 -31.18
CA ASN B 756 1.55 -32.83 -32.27
C ASN B 756 0.20 -33.52 -32.07
N ASP B 757 -0.45 -33.28 -30.93
CA ASP B 757 -1.78 -33.82 -30.70
C ASP B 757 -2.83 -32.96 -31.40
N GLY B 758 -4.09 -33.39 -31.28
CA GLY B 758 -5.18 -32.62 -31.84
C GLY B 758 -5.41 -31.32 -31.08
N VAL B 759 -6.13 -30.40 -31.73
CA VAL B 759 -6.36 -29.09 -31.15
C VAL B 759 -7.20 -29.21 -29.88
N PHE B 760 -8.15 -30.14 -29.85
CA PHE B 760 -8.98 -30.30 -28.67
C PHE B 760 -8.19 -30.79 -27.46
N ALA B 761 -7.26 -31.73 -27.66
CA ALA B 761 -6.45 -32.25 -26.56
C ALA B 761 -5.47 -31.23 -26.02
N ILE B 762 -4.75 -30.51 -26.89
CA ILE B 762 -3.90 -29.41 -26.44
C ILE B 762 -4.68 -28.34 -25.71
N LEU B 763 -5.93 -28.13 -26.07
CA LEU B 763 -6.81 -27.21 -25.34
C LEU B 763 -7.18 -27.72 -23.96
N CYS B 764 -7.62 -28.97 -23.84
CA CYS B 764 -8.00 -29.51 -22.53
C CYS B 764 -6.82 -29.61 -21.58
N ILE B 765 -5.67 -30.10 -22.06
CA ILE B 765 -4.52 -30.26 -21.18
C ILE B 765 -4.02 -28.91 -20.67
N PHE B 766 -3.89 -27.94 -21.57
CA PHE B 766 -3.45 -26.61 -21.14
C PHE B 766 -4.48 -25.92 -20.27
N GLY B 767 -5.78 -26.11 -20.53
CA GLY B 767 -6.80 -25.56 -19.68
C GLY B 767 -6.77 -26.15 -18.28
N ILE B 768 -6.51 -27.45 -18.19
CA ILE B 768 -6.33 -28.08 -16.89
C ILE B 768 -5.12 -27.49 -16.18
N LEU B 769 -4.03 -27.27 -16.92
CA LEU B 769 -2.84 -26.66 -16.33
C LEU B 769 -3.15 -25.28 -15.75
N MET B 770 -3.77 -24.41 -16.54
CA MET B 770 -4.10 -23.08 -16.01
C MET B 770 -5.23 -23.11 -14.99
N LEU B 771 -6.02 -24.17 -14.92
CA LEU B 771 -6.98 -24.33 -13.84
C LEU B 771 -6.32 -24.75 -12.53
N VAL B 772 -5.24 -25.51 -12.60
CA VAL B 772 -4.47 -25.85 -11.41
C VAL B 772 -3.51 -24.74 -11.00
N VAL B 773 -2.98 -23.99 -11.97
CA VAL B 773 -2.08 -22.89 -11.64
C VAL B 773 -2.87 -21.64 -11.27
N GLY B 774 -3.96 -21.37 -11.97
CA GLY B 774 -4.74 -20.16 -11.73
C GLY B 774 -5.43 -20.11 -10.38
N THR B 775 -5.68 -21.26 -9.75
CA THR B 775 -6.23 -21.26 -8.41
C THR B 775 -5.20 -20.94 -7.35
N PHE B 776 -3.91 -21.03 -7.68
CA PHE B 776 -2.83 -20.72 -6.75
C PHE B 776 -2.04 -19.48 -7.15
N VAL B 777 -1.86 -19.26 -8.44
CA VAL B 777 -1.15 -18.09 -8.96
C VAL B 777 -2.14 -17.19 -9.68
N SER B 778 -1.80 -15.91 -9.77
CA SER B 778 -2.69 -14.94 -10.41
C SER B 778 -2.94 -15.33 -11.86
N HIS B 779 -4.18 -15.10 -12.30
CA HIS B 779 -4.56 -15.44 -13.66
C HIS B 779 -3.82 -14.59 -14.69
N THR B 780 -3.49 -13.34 -14.36
CA THR B 780 -2.80 -12.48 -15.30
C THR B 780 -1.41 -13.01 -15.60
N VAL B 781 -0.65 -13.39 -14.57
CA VAL B 781 0.69 -13.92 -14.77
C VAL B 781 0.64 -15.21 -15.56
N SER B 782 -0.29 -16.11 -15.21
CA SER B 782 -0.42 -17.38 -15.90
C SER B 782 -0.74 -17.16 -17.38
N ALA B 783 -1.65 -16.24 -17.67
CA ALA B 783 -1.99 -15.94 -19.06
C ALA B 783 -0.80 -15.34 -19.81
N ILE B 784 -0.10 -14.39 -19.18
CA ILE B 784 1.05 -13.75 -19.83
C ILE B 784 2.10 -14.79 -20.19
N ILE B 785 2.31 -15.77 -19.33
CA ILE B 785 3.28 -16.83 -19.60
C ILE B 785 2.78 -17.83 -20.64
N ILE B 786 1.52 -18.26 -20.54
CA ILE B 786 1.07 -19.39 -21.36
C ILE B 786 0.50 -19.02 -22.72
N ILE B 787 -0.26 -17.94 -22.82
CA ILE B 787 -0.91 -17.54 -24.07
C ILE B 787 0.10 -17.38 -25.20
N PRO B 788 1.27 -16.76 -24.98
CA PRO B 788 2.29 -16.76 -26.04
C PRO B 788 2.78 -18.13 -26.44
N LEU B 789 2.78 -19.11 -25.52
CA LEU B 789 3.28 -20.45 -25.83
C LEU B 789 2.29 -21.29 -26.61
N VAL B 790 1.00 -21.24 -26.24
CA VAL B 790 -0.01 -21.98 -27.00
C VAL B 790 -0.10 -21.44 -28.42
N GLN B 791 0.23 -20.16 -28.61
CA GLN B 791 0.26 -19.60 -29.96
C GLN B 791 1.32 -20.29 -30.81
N GLU B 792 2.52 -20.49 -30.25
CA GLU B 792 3.57 -21.21 -30.97
C GLU B 792 3.19 -22.66 -31.18
N VAL B 793 2.52 -23.27 -30.20
CA VAL B 793 2.07 -24.65 -30.37
C VAL B 793 1.09 -24.76 -31.53
N GLY B 794 0.15 -23.83 -31.62
CA GLY B 794 -0.85 -23.85 -32.68
C GLY B 794 -0.33 -23.34 -34.01
N ASP B 795 0.63 -22.42 -33.99
CA ASP B 795 1.19 -21.88 -35.22
C ASP B 795 1.95 -22.95 -35.98
N LYS B 796 2.37 -24.01 -35.28
CA LYS B 796 3.07 -25.12 -35.90
C LYS B 796 2.16 -26.26 -36.32
N LEU B 797 0.89 -26.24 -35.96
CA LEU B 797 -0.03 -27.29 -36.37
C LEU B 797 -0.49 -27.08 -37.81
N GLY B 798 -1.05 -28.15 -38.38
CA GLY B 798 -1.57 -28.08 -39.74
C GLY B 798 -2.88 -27.33 -39.89
N ASN B 799 -3.66 -27.25 -38.81
CA ASN B 799 -4.92 -26.52 -38.87
C ASN B 799 -4.66 -25.02 -38.92
N PRO B 800 -5.22 -24.30 -39.89
CA PRO B 800 -5.06 -22.84 -39.92
C PRO B 800 -5.88 -22.11 -38.88
N LYS B 801 -6.89 -22.75 -38.29
CA LYS B 801 -7.68 -22.18 -37.21
C LYS B 801 -7.16 -22.61 -35.83
N ALA B 802 -6.05 -23.35 -35.78
CA ALA B 802 -5.60 -23.92 -34.52
C ALA B 802 -5.10 -22.83 -33.57
N ALA B 803 -4.28 -21.91 -34.06
CA ALA B 803 -3.71 -20.88 -33.20
C ALA B 803 -4.77 -19.95 -32.60
N PRO B 804 -5.70 -19.40 -33.39
CA PRO B 804 -6.76 -18.58 -32.77
C PRO B 804 -7.61 -19.36 -31.79
N ILE B 805 -7.92 -20.62 -32.10
CA ILE B 805 -8.72 -21.43 -31.19
C ILE B 805 -8.00 -21.64 -29.87
N LEU B 806 -6.71 -22.00 -29.92
CA LEU B 806 -5.95 -22.19 -28.70
C LEU B 806 -5.78 -20.92 -27.89
N VAL B 807 -5.48 -19.79 -28.56
CA VAL B 807 -5.35 -18.54 -27.82
C VAL B 807 -6.66 -18.14 -27.15
N PHE B 808 -7.77 -18.22 -27.88
CA PHE B 808 -9.09 -17.91 -27.31
C PHE B 808 -9.44 -18.84 -26.16
N GLY B 809 -9.25 -20.16 -26.34
CA GLY B 809 -9.59 -21.10 -25.29
C GLY B 809 -8.76 -20.89 -24.04
N CYS B 810 -7.45 -20.74 -24.20
CA CYS B 810 -6.60 -20.50 -23.04
C CYS B 810 -6.87 -19.15 -22.39
N ALA B 811 -7.34 -18.16 -23.16
CA ALA B 811 -7.81 -16.93 -22.54
C ALA B 811 -9.04 -17.17 -21.68
N LEU B 812 -9.98 -17.97 -22.18
CA LEU B 812 -11.19 -18.25 -21.42
C LEU B 812 -10.93 -19.15 -20.21
N LEU B 813 -10.05 -20.14 -20.37
CA LEU B 813 -9.75 -21.10 -19.32
C LEU B 813 -8.75 -20.57 -18.30
N SER B 814 -8.18 -19.39 -18.53
CA SER B 814 -7.27 -18.79 -17.57
C SER B 814 -7.97 -18.18 -16.38
N SER B 815 -9.31 -18.12 -16.40
CA SER B 815 -10.08 -17.55 -15.32
C SER B 815 -10.90 -18.58 -14.56
N CYS B 816 -10.78 -19.86 -14.90
CA CYS B 816 -11.59 -20.89 -14.29
C CYS B 816 -11.12 -21.28 -12.89
N GLY B 817 -9.84 -21.11 -12.58
CA GLY B 817 -9.34 -21.45 -11.26
C GLY B 817 -9.87 -20.52 -10.20
N MET B 818 -10.85 -20.98 -9.41
CA MET B 818 -11.50 -20.16 -8.40
C MET B 818 -11.72 -20.93 -7.10
N GLY B 819 -10.99 -22.02 -6.89
CA GLY B 819 -11.22 -22.86 -5.73
C GLY B 819 -10.62 -22.37 -4.44
N LEU B 820 -9.57 -21.56 -4.52
CA LEU B 820 -8.88 -21.05 -3.34
C LEU B 820 -9.38 -19.66 -3.00
N ALA B 821 -9.73 -19.45 -1.74
CA ALA B 821 -10.31 -18.20 -1.26
C ALA B 821 -9.29 -17.08 -1.16
N SER B 822 -7.99 -17.37 -1.30
CA SER B 822 -6.95 -16.38 -1.16
C SER B 822 -6.25 -16.11 -2.48
N SER B 823 -7.00 -16.15 -3.58
CA SER B 823 -6.43 -15.91 -4.90
C SER B 823 -7.51 -15.25 -5.76
N GLY B 824 -7.25 -14.06 -6.25
CA GLY B 824 -8.22 -13.32 -7.03
C GLY B 824 -8.98 -12.33 -6.18
N PHE B 825 -9.30 -11.17 -6.74
CA PHE B 825 -10.00 -10.11 -6.03
C PHE B 825 -11.41 -10.53 -5.57
N PRO B 826 -12.25 -11.14 -6.42
CA PRO B 826 -13.56 -11.57 -5.93
C PRO B 826 -13.48 -12.58 -4.79
N ASN B 827 -12.50 -13.49 -4.83
CA ASN B 827 -12.33 -14.48 -3.79
C ASN B 827 -11.83 -13.87 -2.49
N VAL B 828 -10.87 -12.94 -2.60
CA VAL B 828 -10.32 -12.28 -1.42
C VAL B 828 -11.37 -11.39 -0.77
N THR B 829 -12.22 -10.75 -1.58
CA THR B 829 -13.29 -9.91 -1.05
C THR B 829 -14.33 -10.74 -0.29
N ALA B 830 -14.69 -11.92 -0.81
CA ALA B 830 -15.74 -12.70 -0.19
C ALA B 830 -15.28 -13.41 1.06
N ILE B 831 -14.00 -13.77 1.13
CA ILE B 831 -13.50 -14.50 2.29
C ILE B 831 -13.35 -13.58 3.49
N SER B 832 -13.38 -12.27 3.27
CA SER B 832 -13.21 -11.30 4.34
C SER B 832 -14.51 -10.66 4.80
N LYS B 833 -15.62 -10.92 4.12
CA LYS B 833 -16.90 -10.35 4.51
C LYS B 833 -17.29 -10.86 5.89
N VAL B 834 -17.81 -9.96 6.72
CA VAL B 834 -18.19 -10.27 8.09
C VAL B 834 -19.61 -9.78 8.33
N ASP B 835 -20.31 -10.44 9.25
CA ASP B 835 -21.68 -10.07 9.59
C ASP B 835 -21.68 -8.90 10.57
N ARG B 836 -22.86 -8.58 11.11
CA ARG B 836 -22.98 -7.45 12.03
C ARG B 836 -22.24 -7.70 13.33
N LYS B 837 -22.15 -8.96 13.76
CA LYS B 837 -21.40 -9.32 14.95
C LYS B 837 -19.92 -9.55 14.69
N GLY B 838 -19.48 -9.46 13.43
CA GLY B 838 -18.09 -9.60 13.08
C GLY B 838 -17.63 -10.98 12.66
N ASP B 839 -18.55 -11.94 12.53
CA ASP B 839 -18.19 -13.29 12.13
C ASP B 839 -18.20 -13.41 10.61
N ARG B 840 -17.17 -14.04 10.06
CA ARG B 840 -17.08 -14.20 8.62
C ARG B 840 -18.15 -15.18 8.13
N TYR B 841 -18.75 -14.84 6.99
CA TYR B 841 -19.74 -15.73 6.39
C TYR B 841 -19.11 -17.01 5.85
N LEU B 842 -17.94 -16.92 5.24
CA LEU B 842 -17.35 -18.02 4.50
C LEU B 842 -16.01 -18.42 5.10
N SER B 843 -15.72 -19.72 5.08
CA SER B 843 -14.42 -20.25 5.41
C SER B 843 -13.71 -20.69 4.14
N VAL B 844 -12.42 -21.00 4.27
CA VAL B 844 -11.68 -21.56 3.13
C VAL B 844 -12.18 -22.93 2.75
N MET B 845 -12.70 -23.70 3.71
CA MET B 845 -13.28 -25.01 3.42
C MET B 845 -14.52 -24.93 2.54
N THR B 846 -15.40 -23.95 2.80
CA THR B 846 -16.56 -23.76 1.93
C THR B 846 -16.14 -23.37 0.52
N PHE B 847 -15.14 -22.50 0.41
CA PHE B 847 -14.61 -22.12 -0.89
C PHE B 847 -14.04 -23.33 -1.62
N LEU B 848 -13.33 -24.20 -0.91
CA LEU B 848 -12.80 -25.40 -1.55
C LEU B 848 -13.91 -26.35 -1.96
N THR B 849 -14.94 -26.52 -1.12
CA THR B 849 -15.97 -27.50 -1.40
C THR B 849 -16.92 -27.06 -2.50
N ARG B 850 -17.08 -25.76 -2.72
CA ARG B 850 -17.98 -25.29 -3.76
C ARG B 850 -17.29 -24.70 -4.99
N GLY B 851 -16.20 -23.95 -4.81
CA GLY B 851 -15.54 -23.31 -5.93
C GLY B 851 -14.62 -24.22 -6.73
N VAL B 852 -14.29 -25.39 -6.21
CA VAL B 852 -13.54 -26.37 -6.98
C VAL B 852 -14.51 -27.11 -7.91
N PRO B 853 -15.69 -27.55 -7.46
CA PRO B 853 -16.71 -28.00 -8.42
C PRO B 853 -17.23 -26.88 -9.32
N ALA B 854 -17.13 -25.63 -8.90
CA ALA B 854 -17.50 -24.49 -9.73
C ALA B 854 -16.39 -24.10 -10.69
N SER B 855 -15.19 -24.64 -10.49
CA SER B 855 -14.10 -24.51 -11.46
C SER B 855 -14.14 -25.57 -12.54
N ILE B 856 -14.52 -26.80 -12.19
CA ILE B 856 -14.75 -27.82 -13.20
C ILE B 856 -15.97 -27.48 -14.05
N LEU B 857 -17.02 -26.92 -13.42
CA LEU B 857 -18.19 -26.51 -14.17
C LEU B 857 -17.90 -25.39 -15.16
N ALA B 858 -17.07 -24.41 -14.78
CA ALA B 858 -16.67 -23.34 -15.67
C ALA B 858 -15.63 -23.78 -16.69
N PHE B 859 -14.99 -24.92 -16.47
CA PHE B 859 -14.05 -25.49 -17.42
C PHE B 859 -14.70 -26.40 -18.45
N LEU B 860 -15.75 -27.14 -18.08
CA LEU B 860 -16.48 -27.96 -19.05
C LEU B 860 -17.34 -27.10 -19.96
N CYS B 861 -17.77 -25.93 -19.50
CA CYS B 861 -18.58 -25.04 -20.32
C CYS B 861 -17.77 -24.37 -21.43
N VAL B 862 -16.46 -24.23 -21.26
CA VAL B 862 -15.62 -23.61 -22.28
C VAL B 862 -15.15 -24.61 -23.33
N ILE B 863 -14.88 -25.86 -22.96
CA ILE B 863 -14.38 -26.85 -23.90
C ILE B 863 -15.50 -27.60 -24.59
N THR B 864 -16.76 -27.35 -24.23
CA THR B 864 -17.90 -27.97 -24.90
C THR B 864 -18.72 -26.93 -25.65
N LEU B 865 -19.22 -25.90 -24.97
CA LEU B 865 -19.97 -24.84 -25.63
C LEU B 865 -19.03 -23.89 -26.35
N GLY B 866 -18.01 -23.41 -25.63
CA GLY B 866 -17.08 -22.46 -26.22
C GLY B 866 -16.36 -23.01 -27.43
N TYR B 867 -15.87 -24.25 -27.33
CA TYR B 867 -15.20 -24.88 -28.46
C TYR B 867 -16.16 -25.09 -29.63
N GLY B 868 -17.41 -25.49 -29.33
CA GLY B 868 -18.39 -25.64 -30.39
C GLY B 868 -18.70 -24.34 -31.11
N ILE B 869 -18.75 -23.24 -30.37
CA ILE B 869 -18.93 -21.93 -31.02
C ILE B 869 -17.69 -21.53 -31.82
N MET B 870 -16.50 -21.77 -31.28
CA MET B 870 -15.27 -21.46 -32.01
C MET B 870 -15.15 -22.25 -33.31
N ALA B 871 -15.69 -23.47 -33.33
CA ALA B 871 -15.58 -24.30 -34.53
C ALA B 871 -16.20 -23.65 -35.76
N SER B 872 -17.13 -22.71 -35.56
CA SER B 872 -17.77 -22.01 -36.66
C SER B 872 -17.36 -20.54 -36.69
N VAL B 873 -17.32 -19.87 -35.53
CA VAL B 873 -17.02 -18.45 -35.45
C VAL B 873 -15.61 -18.17 -35.94
N VAL B 874 -14.65 -18.99 -35.51
CA VAL B 874 -13.26 -18.79 -35.88
C VAL B 874 -13.09 -19.21 -37.34
N LYS B 875 -12.58 -18.30 -38.17
CA LYS B 875 -12.40 -18.56 -39.59
C LYS B 875 -10.97 -18.90 -39.96
N GLY B 876 -9.99 -18.36 -39.24
CA GLY B 876 -8.59 -18.63 -39.53
C GLY B 876 -8.01 -17.70 -40.58
P PO4 C . 15.10 13.17 8.38
O1 PO4 C . 13.62 12.88 8.31
O2 PO4 C . 15.35 14.25 9.41
O3 PO4 C . 15.58 13.64 7.03
O4 PO4 C . 15.86 11.92 8.77
NA NA D . 21.04 14.30 7.60
NA NA E . 8.75 19.02 6.13
O13 3PH F . -18.07 23.83 2.63
P 3PH F . -18.99 22.63 2.82
O14 3PH F . -19.16 22.17 4.25
O12 3PH F . -20.29 22.70 2.02
O11 3PH F . -18.06 21.42 2.06
C1 3PH F . -18.70 20.24 1.71
C2 3PH F . -19.14 20.22 0.26
O21 3PH F . -19.66 18.94 -0.14
C21 3PH F . -20.78 18.90 -0.85
O22 3PH F . -21.72 19.61 -0.64
C22 3PH F . -20.72 17.87 -1.95
C23 3PH F . -19.76 18.22 -3.07
C24 3PH F . -20.48 18.80 -4.28
C25 3PH F . -19.53 19.16 -5.41
C26 3PH F . -18.18 19.70 -4.95
C27 3PH F . -17.10 19.52 -6.01
C28 3PH F . -17.49 20.04 -7.39
C29 3PH F . -16.32 20.06 -8.36
C2A 3PH F . -16.04 18.74 -9.05
C2B 3PH F . -15.80 18.88 -10.55
C2C 3PH F . -14.38 18.59 -11.00
C2D 3PH F . -13.33 19.28 -10.14
C2E 3PH F . -11.99 19.49 -10.84
C2F 3PH F . -10.95 20.18 -9.97
C2G 3PH F . -9.80 20.77 -10.76
C2H 3PH F . -10.25 21.76 -11.82
C2I 3PH F . -9.14 22.18 -12.77
C3 3PH F . -18.09 20.59 -0.77
O31 3PH F . -16.78 20.71 -0.23
C31 3PH F . -15.86 21.10 -1.09
O32 3PH F . -15.04 20.34 -1.55
C32 3PH F . -15.97 22.56 -1.41
C33 3PH F . -14.96 23.03 -2.44
C34 3PH F . -15.28 22.53 -3.84
C35 3PH F . -16.09 23.55 -4.63
C36 3PH F . -15.25 24.72 -5.15
C37 3PH F . -14.07 24.25 -5.98
C38 3PH F . -14.44 23.62 -7.31
C39 3PH F . -13.23 23.52 -8.24
C3A 3PH F . -13.54 23.05 -9.65
C3B 3PH F . -14.54 23.95 -10.36
C3C 3PH F . -14.08 25.40 -10.50
C3D 3PH F . -12.89 25.55 -11.43
C3E 3PH F . -12.38 26.99 -11.53
C3F 3PH F . -13.22 27.87 -12.45
C3G 3PH F . -13.17 27.41 -13.91
C3H 3PH F . -13.44 28.54 -14.89
C3I 3PH F . -13.45 28.08 -16.35
O13 3PH G . 0.58 16.99 -20.83
P 3PH G . 0.59 18.00 -21.96
O14 3PH G . 1.85 18.02 -22.82
O12 3PH G . -0.69 18.07 -22.78
O11 3PH G . 0.64 19.45 -21.07
C1 3PH G . -0.52 20.22 -21.07
C2 3PH G . -0.64 21.03 -19.79
O21 3PH G . 0.19 22.20 -19.82
C21 3PH G . 0.04 23.10 -20.80
O22 3PH G . 0.91 23.36 -21.59
C22 3PH G . -1.32 23.73 -20.79
C23 3PH G . -1.66 24.47 -19.50
C24 3PH G . -2.75 25.52 -19.71
C25 3PH G . -3.56 25.75 -18.44
C26 3PH G . -4.49 24.61 -18.09
C27 3PH G . -5.28 24.86 -16.81
C28 3PH G . -4.97 23.87 -15.70
C29 3PH G . -5.08 24.48 -14.31
C2A 3PH G . -4.38 23.68 -13.22
C2B 3PH G . -5.26 22.57 -12.64
C2C 3PH G . -4.60 21.81 -11.51
C2D 3PH G . -5.58 21.52 -10.37
C2E 3PH G . -5.16 20.35 -9.48
C2F 3PH G . -6.25 19.98 -8.46
C2G 3PH G . -6.44 21.04 -7.39
C2H 3PH G . -7.78 20.94 -6.67
C2I 3PH G . -8.05 19.55 -6.08
C3 3PH G . -0.35 20.29 -18.52
O31 3PH G . -0.90 18.98 -18.58
C31 3PH G . -2.16 18.84 -18.21
O32 3PH G . -3.05 18.57 -18.98
C32 3PH G . -2.33 19.04 -16.73
C33 3PH G . -3.68 18.59 -16.22
C34 3PH G . -4.71 19.71 -16.20
C35 3PH G . -6.12 19.18 -16.03
C36 3PH G . -6.29 18.22 -14.86
C37 3PH G . -6.03 18.90 -13.51
C38 3PH G . -6.41 18.05 -12.31
C39 3PH G . -7.91 17.81 -12.25
C3A 3PH G . -8.29 16.39 -11.84
C3B 3PH G . -7.82 16.02 -10.45
C3C 3PH G . -8.45 16.83 -9.33
C3D 3PH G . -9.96 16.63 -9.21
C3E 3PH G . -10.38 15.16 -9.12
C3F 3PH G . -11.19 14.70 -10.32
C3G 3PH G . -11.95 15.82 -11.00
C3H 3PH G . -12.88 15.34 -12.12
C3I 3PH G . -12.21 14.37 -13.07
O13 3PH H . 17.07 26.57 -18.83
P 3PH H . 16.60 26.39 -17.39
O14 3PH H . 15.67 25.21 -17.15
O12 3PH H . 17.72 26.52 -16.35
O11 3PH H . 15.64 27.77 -17.19
C1 3PH H . 16.28 28.93 -16.76
C2 3PH H . 15.81 29.35 -15.36
O21 3PH H . 15.78 28.24 -14.45
C21 3PH H . 16.78 28.05 -13.61
O22 3PH H . 17.95 28.04 -13.96
C22 3PH H . 16.32 27.83 -12.20
C23 3PH H . 15.69 29.08 -11.58
C24 3PH H . 15.39 28.92 -10.10
C25 3PH H . 14.09 28.17 -9.84
C26 3PH H . 13.62 28.22 -8.39
C27 3PH H . 12.31 27.45 -8.18
C28 3PH H . 11.93 27.27 -6.72
C29 3PH H . 12.89 26.37 -5.95
C2A 3PH H . 12.25 25.61 -4.79
C2B 3PH H . 11.43 24.40 -5.24
C2C 3PH H . 10.78 23.64 -4.10
C2D 3PH H . 9.80 24.49 -3.30
C2E 3PH H . 8.40 24.55 -3.90
C2F 3PH H . 7.47 25.52 -3.17
C2G 3PH H . 7.75 26.98 -3.48
C2H 3PH H . 7.51 27.91 -2.30
C2I 3PH H . 8.71 28.05 -1.39
C3 3PH H . 14.47 30.04 -15.31
O31 3PH H . 13.59 29.34 -14.44
C31 3PH H . 12.80 30.07 -13.68
O32 3PH H . 12.92 31.27 -13.55
C32 3PH H . 11.75 29.23 -13.00
C33 3PH H . 11.27 29.83 -11.69
C34 3PH H . 9.81 29.55 -11.40
C35 3PH H . 9.50 29.64 -9.92
C36 3PH H . 8.04 29.96 -9.61
C37 3PH H . 7.31 28.78 -9.00
C38 3PH H . 7.69 28.46 -7.56
C39 3PH H . 6.54 28.70 -6.58
C3A 3PH H . 6.02 30.12 -6.58
C3B 3PH H . 4.57 30.22 -6.13
C3C 3PH H . 3.70 31.02 -7.08
C3D 3PH H . 2.83 32.06 -6.38
C3E 3PH H . 2.60 33.32 -7.20
C3F 3PH H . 2.24 33.05 -8.65
C3G 3PH H . 3.31 33.46 -9.64
C3H 3PH H . 3.09 32.90 -11.05
C3I 3PH H . 2.07 33.72 -11.86
O13 3PH I . 25.93 -10.87 0.26
P 3PH I . 26.78 -11.33 -0.92
O14 3PH I . 26.00 -11.58 -2.21
O12 3PH I . 28.08 -10.55 -1.12
O11 3PH I . 27.27 -12.87 -0.40
C1 3PH I . 26.27 -13.83 -0.24
C2 3PH I . 25.95 -14.08 1.22
O21 3PH I . 24.58 -13.78 1.51
C21 3PH I . 23.68 -14.75 1.46
O22 3PH I . 23.67 -15.61 0.61
C22 3PH I . 22.70 -14.65 2.59
C23 3PH I . 22.64 -15.89 3.46
C24 3PH I . 21.22 -16.37 3.71
C25 3PH I . 21.05 -16.98 5.09
C26 3PH I . 19.69 -17.63 5.31
C27 3PH I . 19.16 -17.36 6.71
C28 3PH I . 18.73 -15.92 6.94
C29 3PH I . 18.20 -15.69 8.34
C2A 3PH I . 16.97 -16.52 8.67
C2B 3PH I . 15.68 -15.77 8.45
C2C 3PH I . 14.84 -15.58 9.70
C2D 3PH I . 14.40 -16.91 10.32
C2E 3PH I . 15.08 -17.25 11.63
C2F 3PH I . 14.74 -18.64 12.14
C2G 3PH I . 15.62 -19.08 13.31
C2H 3PH I . 17.11 -19.05 12.97
C2I 3PH I . 17.95 -18.39 14.05
C3 3PH I . 26.79 -13.33 2.22
O31 3PH I . 25.96 -12.45 2.99
C31 3PH I . 26.12 -12.44 4.30
O32 3PH I . 27.21 -12.34 4.83
C32 3PH I . 24.82 -12.57 5.03
C33 3PH I . 24.90 -12.19 6.50
C34 3PH I . 23.59 -12.39 7.25
C35 3PH I . 23.49 -13.80 7.83
C36 3PH I . 22.99 -13.85 9.27
C37 3PH I . 21.54 -13.40 9.41
C38 3PH I . 20.85 -13.93 10.67
C39 3PH I . 20.14 -12.83 11.45
C3A 3PH I . 18.64 -13.04 11.63
C3B 3PH I . 18.31 -14.17 12.59
C3C 3PH I . 17.66 -13.74 13.89
C3D 3PH I . 16.16 -13.48 13.75
C3E 3PH I . 15.37 -13.63 15.05
C3F 3PH I . 14.33 -12.53 15.25
C3G 3PH I . 13.01 -13.02 15.85
C3H 3PH I . 12.87 -12.79 17.35
C3I 3PH I . 13.38 -13.95 18.19
O13 3PH J . -1.35 8.76 -26.68
P 3PH J . -0.20 9.04 -27.64
O14 3PH J . 1.16 9.24 -26.98
O12 3PH J . -0.17 8.15 -28.88
O11 3PH J . -0.63 10.59 -28.22
C1 3PH J . -0.63 11.62 -27.30
C2 3PH J . -2.05 12.03 -26.91
O21 3PH J . -2.26 11.87 -25.50
C21 3PH J . -2.07 12.90 -24.69
O22 3PH J . -1.15 13.68 -24.82
C22 3PH J . -3.12 12.97 -23.62
C23 3PH J . -3.88 14.28 -23.62
C24 3PH J . -3.98 14.89 -22.23
C25 3PH J . -5.30 15.64 -22.03
C26 3PH J . -5.38 16.40 -20.72
C27 3PH J . -6.74 16.30 -20.07
C28 3PH J . -7.05 14.91 -19.51
C29 3PH J . -8.41 14.86 -18.84
C2A 3PH J . -8.56 15.81 -17.67
C2B 3PH J . -8.30 15.13 -16.32
C2C 3PH J . -9.53 15.12 -15.41
C2D 3PH J . -9.99 16.51 -15.03
C2E 3PH J . -11.32 16.90 -15.66
C2F 3PH J . -11.70 18.36 -15.41
C2G 3PH J . -12.90 18.83 -16.24
C2H 3PH J . -12.67 18.66 -17.74
C2I 3PH J . -13.86 18.04 -18.45
C3 3PH J . -3.16 11.29 -27.61
O31 3PH J . -3.93 10.56 -26.67
C31 3PH J . -5.25 10.65 -26.74
O32 3PH J . -5.87 10.50 -27.77
C32 3PH J . -5.87 10.95 -25.40
C33 3PH J . -7.36 10.69 -25.35
C34 3PH J . -7.99 11.06 -24.01
C35 3PH J . -8.45 12.50 -23.99
C36 3PH J . -9.85 12.73 -23.40
C37 3PH J . -9.91 12.40 -21.91
C38 3PH J . -11.07 13.09 -21.18
C39 3PH J . -11.88 12.12 -20.33
C3A 3PH J . -11.93 12.46 -18.85
C3B 3PH J . -12.78 13.70 -18.55
C3C 3PH J . -14.05 13.42 -17.77
C3D 3PH J . -13.81 13.28 -16.27
C3E 3PH J . -15.03 13.60 -15.42
C3F 3PH J . -15.26 12.61 -14.27
C3G 3PH J . -15.70 13.25 -12.97
C3H 3PH J . -17.20 13.16 -12.70
C3I 3PH J . -17.98 14.34 -13.25
P PO4 K . -10.51 -13.58 -13.31
O1 PO4 K . -10.32 -13.17 -11.87
O2 PO4 K . -11.65 -14.57 -13.40
O3 PO4 K . -9.24 -14.21 -13.82
O4 PO4 K . -10.83 -12.37 -14.15
NA NA L . -10.26 -15.22 -19.18
NA NA M . -8.25 -19.06 -6.66
O13 3PH N . -3.15 -22.01 20.16
P 3PH N . -3.16 -20.75 20.99
O14 3PH N . -4.54 -20.13 21.22
O12 3PH N . -2.29 -20.78 22.24
O11 3PH N . -2.38 -19.67 19.92
C1 3PH N . -1.89 -18.48 20.43
C2 3PH N . -0.41 -18.55 20.76
O21 3PH N . 0.13 -17.28 21.14
C21 3PH N . 0.92 -17.20 22.21
O22 3PH N . 0.72 -17.82 23.22
C22 3PH N . 2.07 -16.27 21.99
C23 3PH N . 3.09 -16.78 21.00
C24 3PH N . 4.30 -17.43 21.67
C25 3PH N . 5.32 -17.95 20.68
C26 3PH N . 4.72 -18.55 19.41
C27 3PH N . 5.71 -18.55 18.25
C28 3PH N . 7.07 -19.15 18.59
C29 3PH N . 7.94 -19.36 17.37
C2A 3PH N . 8.71 -18.11 16.91
C2B 3PH N . 10.17 -18.41 16.60
C2C 3PH N . 10.54 -18.28 15.13
C2D 3PH N . 9.55 -18.98 14.20
C2E 3PH N . 10.14 -19.35 12.84
C2F 3PH N . 9.14 -20.05 11.92
C2G 3PH N . 9.80 -20.78 10.76
C2H 3PH N . 10.81 -21.82 11.23
C2I 3PH N . 11.64 -22.39 10.09
C3 3PH N . 0.50 -19.10 19.70
O31 3PH N . -0.13 -19.28 18.44
C31 3PH N . 0.63 -19.80 17.50
O32 3PH N . 1.10 -19.15 16.59
C32 3PH N . 0.83 -21.27 17.70
C33 3PH N . 1.74 -21.91 16.67
C34 3PH N . 3.20 -21.51 16.84
C35 3PH N . 3.96 -22.53 17.68
C36 3PH N . 4.32 -23.80 16.91
C37 3PH N . 5.08 -23.49 15.64
C38 3PH N . 6.49 -22.94 15.85
C39 3PH N . 7.33 -23.03 14.58
C3A 3PH N . 8.79 -22.65 14.76
C3B 3PH N . 9.50 -23.53 15.78
C3C 3PH N . 9.49 -25.01 15.44
C3D 3PH N . 10.31 -25.35 14.20
C3E 3PH N . 10.25 -26.82 13.82
C3F 3PH N . 11.17 -27.69 14.65
C3G 3PH N . 12.65 -27.38 14.47
C3H 3PH N . 13.56 -28.57 14.77
C3I 3PH N . 15.03 -28.22 14.64
O13 3PH O . 19.30 -18.71 -0.54
P 3PH O . 20.36 -19.81 -0.55
O14 3PH O . 21.11 -19.98 -1.87
O12 3PH O . 21.27 -19.84 0.68
O11 3PH O . 19.37 -21.17 -0.42
C1 3PH O . 19.38 -21.83 0.80
C2 3PH O . 18.06 -22.52 1.07
O21 3PH O . 17.93 -23.76 0.34
C21 3PH O . 18.84 -24.71 0.50
O22 3PH O . 19.54 -25.11 -0.40
C22 3PH O . 18.88 -25.23 1.91
C23 3PH O . 17.58 -25.83 2.40
C24 3PH O . 17.78 -26.82 3.55
C25 3PH O . 16.56 -26.88 4.47
C26 3PH O . 16.37 -25.63 5.32
C27 3PH O . 15.14 -25.71 6.21
C28 3PH O . 14.09 -24.65 5.90
C29 3PH O . 12.67 -25.14 6.15
C2A 3PH O . 11.60 -24.29 5.47
C2B 3PH O . 11.19 -23.08 6.28
C2C 3PH O . 10.06 -22.27 5.64
C2D 3PH O . 9.02 -21.81 6.66
C2E 3PH O . 8.21 -20.61 6.22
C2F 3PH O . 7.30 -20.08 7.33
C2G 3PH O . 6.16 -21.02 7.69
C2H 3PH O . 5.56 -20.75 9.06
C2I 3PH O . 5.10 -19.31 9.24
C3 3PH O . 16.82 -21.70 0.80
O31 3PH O . 17.03 -20.36 1.23
C31 3PH O . 16.77 -20.08 2.50
O32 3PH O . 17.62 -19.82 3.32
C32 3PH O . 15.30 -20.14 2.79
C33 3PH O . 14.94 -19.55 4.14
C34 3PH O . 14.91 -20.60 5.24
C35 3PH O . 14.88 -19.96 6.63
C36 3PH O . 13.81 -18.89 6.79
C37 3PH O . 12.40 -19.46 6.68
C38 3PH O . 11.30 -18.48 7.07
C39 3PH O . 11.36 -18.12 8.53
C3A 3PH O . 11.11 -16.63 8.82
C3B 3PH O . 9.71 -16.19 8.40
C3C 3PH O . 8.59 -16.87 9.18
C3D 3PH O . 8.59 -16.54 10.66
C3E 3PH O . 8.64 -15.05 10.97
C3F 3PH O . 9.93 -14.63 11.66
C3G 3PH O . 10.58 -15.73 12.48
C3H 3PH O . 11.78 -15.27 13.31
C3I 3PH O . 12.77 -14.45 12.48
O13 3PH P . 15.32 -29.31 -15.98
P 3PH P . 13.94 -29.00 -15.43
O14 3PH P . 13.86 -27.75 -14.57
O12 3PH P . 12.79 -29.12 -16.45
O11 3PH P . 13.71 -30.29 -14.36
C1 3PH P . 13.13 -31.45 -14.87
C2 3PH P . 11.76 -31.71 -14.27
O21 3PH P . 10.93 -30.53 -14.26
C21 3PH P . 10.05 -30.34 -15.22
O22 3PH P . 10.29 -30.45 -16.40
C22 3PH P . 8.69 -29.97 -14.68
C23 3PH P . 8.03 -31.11 -13.91
C24 3PH P . 6.59 -30.80 -13.52
C25 3PH P . 6.49 -29.93 -12.28
C26 3PH P . 5.08 -29.82 -11.71
C27 3PH P . 5.03 -28.94 -10.47
C28 3PH P . 3.62 -28.60 -9.99
C29 3PH P . 2.85 -27.73 -10.98
C2A 3PH P . 1.81 -26.81 -10.32
C2B 3PH P . 2.43 -25.59 -9.65
C2C 3PH P . 1.40 -24.67 -9.00
C2D 3PH P . 0.61 -25.35 -7.88
C2E 3PH P . 1.31 -25.34 -6.54
C2F 3PH P . 0.59 -26.16 -5.47
C2G 3PH P . 0.78 -27.66 -5.65
C2H 3PH P . -0.44 -28.48 -5.22
C2I 3PH P . -1.45 -28.66 -6.35
C3 3PH P . 11.76 -32.28 -12.88
O31 3PH P . 11.02 -31.44 -12.00
C31 3PH P . 10.26 -32.04 -11.09
O32 3PH P . 10.03 -33.23 -11.11
C32 3PH P . 9.73 -31.08 -10.07
C33 3PH P . 8.41 -31.51 -9.47
C34 3PH P . 8.25 -31.09 -8.02
C35 3PH P . 6.79 -31.03 -7.61
C36 3PH P . 6.56 -31.22 -6.11
C37 3PH P . 6.13 -29.93 -5.43
C38 3PH P . 4.70 -29.50 -5.75
C39 3PH P . 3.80 -29.56 -4.52
C3A 3PH P . 3.66 -30.95 -3.92
C3B 3PH P . 3.35 -30.92 -2.44
C3C 3PH P . 4.30 -31.75 -1.59
C3D 3PH P . 3.61 -32.61 -0.54
C3E 3PH P . 4.33 -33.91 -0.22
C3F 3PH P . 5.84 -33.73 0.01
C3G 3PH P . 6.69 -34.35 -1.09
C3H 3PH P . 8.15 -33.90 -1.04
C3I 3PH P . 8.97 -34.67 -0.01
#